data_8FYX
#
_entry.id   8FYX
#
_cell.length_a   1.00
_cell.length_b   1.00
_cell.length_c   1.00
_cell.angle_alpha   90.00
_cell.angle_beta   90.00
_cell.angle_gamma   90.00
#
_symmetry.space_group_name_H-M   'P 1'
#
loop_
_entity.id
_entity.type
_entity.pdbx_description
1 polymer 'Guanine nucleotide-binding protein G(i) subunit alpha-1'
2 polymer 'Guanine nucleotide-binding protein G(I)/G(S)/G(T) subunit beta-1'
3 polymer 'Guanine nucleotide-binding protein G(I)/G(S)/G(O) subunit gamma-2'
4 polymer 'Soluble cytochrome b562,5-hydroxytryptamine receptor 1A,5-hydroxytryptamine receptor 1A'
5 non-polymer Buspirone
6 non-polymer '[(2R)-1-[oxidanyl-[(2R,3R,5S,6R)-2,3,5,6-tetrakis(oxidanyl)-4-phosphonooxy-cyclohexyl]oxy-phosphoryl]oxy-3-tetradecanoyloxy-propan-2-yl] (5E,8E)-hexadeca-5,8,11,14-tetraenoate'
7 non-polymer 'CHOLESTEROL HEMISUCCINATE'
#
loop_
_entity_poly.entity_id
_entity_poly.type
_entity_poly.pdbx_seq_one_letter_code
_entity_poly.pdbx_strand_id
1 'polypeptide(L)'
;MGCTLSAEDKAAVERSKMIDRNLREDGEKAAREVKLLLLGAGESGKNTIVKQMKIIHEAGYSEEECKQYKAVVYSNTIQS
IIAIIRAMGRLKIDFGDSARADDARQLFVLAGAAEEGFMTAELAGVIKRLWKDSGVQACFNRSREYQLNDSAAYYLNDLD
RIAQPNYIPTQQDVLRTRVKTTGIVETHFTFKDLHFKMFDVGAQRSERKKWIHCFEGVTAIIFCVALSDYDLVLAEDEEM
NRMHASMKLFDSICNNKWFTDTSIILFLNKKDLFEEKIKKSPLTICYPEYAGSNTYEEAAAYIQCQFEDLNKRKDTKEIY
THFTCSTDTKNVQFVFDAVTDVIIKNNLKDCGLF
;
A
2 'polypeptide(L)'
;MHHHHHHLEVLFQGPGSSGSELDQLRQEAEQLKNQIRDARKACADATLSQITNNIDPVGRIQMRTRRTLRGHLAKIYAMH
WGTDSRLLVSASQDGKLIIWDSYTTNKVHAIPLRSSWVMTCAYAPSGNYVACGGLDNICSIYNLKTREGNVRVSRELAGH
TGYLSCCRFLDDNQIVTSSGDTTCALWDIETGQQTTTFTGHTGDVMSLSLAPDTRLFVSGACDASAKLWDVREGMCRQTF
TGHESDINAICFFPNGNAFATGSDDATCRLFDLRADQELMTYSHDNIICGITSVSFSKSGRLLLAGYDDFNCNVWDALKA
DRAGVLAGHDNRVSCLGVTDDGMAVATGSWDSFLKIWN
;
B
3 'polypeptide(L)' MASNNTASIAQARKLVEQLKMEANIDRIKVSKAAADLMAYCEAHAKEDPLLTPVPASENPFREKKFFCAILGSAGSAGSA G
4 'polypeptide(L)'
;MKTIIALSYIFCLVFADYKDDDDAKLQTMHHHHHHHHHHENLYFQGGTTADLEDNWETLNDNLKVIEKADNAAQVKDALT
KMRAAALDAQKATPPKLEDKSPDSPEMKDFRHGFDILVGQIDDALKLANEGKVKEAQAAAEQLKTTRNAYIQKYLTGISD
VTVSYQVITSLLLGTLIFCAVLGNACVVAAIALERSLQNVANYLIGSLAVTDLMVSVLVLPMAALYQVLNKWTLGQVTCD
LFIALDVLCCTSSIWHLCAIALDRYWAITDPIDYVNKRTPRRAAALISLTWLIGFLISIPPMLGWRTPEDRSDPDACTIS
KDHGYTIYSTFGAFYIPLLLMLVLYGRIFRAARFRIRKTVKKVEKTGADTRHGASPAPQPKKSVNGESGSRNWRLGVESK
AGGALCANGAVRQGDDGAALEVIEVHRVGNSKEHLPLPSEAGPTPCAPASFERKNERNAEAKRKMALARERKTVKTLGII
MGTFILCWLPFFIVALVLPFCESSCHMPTLLGAIINWLGYSNSLLNPVIYAYFNKDFQNAFKKIIKCKFCRQ
;
R
#
loop_
_chem_comp.id
_chem_comp.type
_chem_comp.name
_chem_comp.formula
J40 non-polymer '[(2R)-1-[oxidanyl-[(2R,3R,5S,6R)-2,3,5,6-tetrakis(oxidanyl)-4-phosphonooxy-cyclohexyl]oxy-phosphoryl]oxy-3-tetradecanoyloxy-propan-2-yl] (5E,8E)-hexadeca-5,8,11,14-tetraenoate' 'C39 H68 O16 P2'
Y01 non-polymer 'CHOLESTEROL HEMISUCCINATE' 'C31 H50 O4'
YLX non-polymer Buspirone 'C21 H31 N5 O2'
#
# COMPACT_ATOMS: atom_id res chain seq x y z
N THR A 4 1.45 17.99 30.07
CA THR A 4 0.47 18.88 29.46
C THR A 4 1.08 20.25 29.18
N LEU A 5 1.19 21.07 30.23
CA LEU A 5 1.73 22.41 30.12
C LEU A 5 3.22 22.48 30.40
N SER A 6 3.86 21.36 30.66
CA SER A 6 5.30 21.36 30.96
C SER A 6 6.10 21.76 29.73
N ALA A 7 7.27 22.36 29.98
CA ALA A 7 8.12 22.82 28.89
C ALA A 7 8.62 21.66 28.04
N GLU A 8 8.99 20.54 28.68
CA GLU A 8 9.49 19.39 27.93
C GLU A 8 8.43 18.81 27.02
N ASP A 9 7.19 18.72 27.49
CA ASP A 9 6.12 18.20 26.65
C ASP A 9 5.86 19.11 25.45
N LYS A 10 5.84 20.42 25.68
CA LYS A 10 5.65 21.36 24.57
C LYS A 10 6.79 21.26 23.56
N ALA A 11 8.02 21.15 24.04
CA ALA A 11 9.16 21.00 23.14
C ALA A 11 9.06 19.71 22.33
N ALA A 12 8.65 18.63 22.99
CA ALA A 12 8.49 17.35 22.28
C ALA A 12 7.40 17.45 21.21
N VAL A 13 6.28 18.09 21.54
CA VAL A 13 5.20 18.23 20.56
C VAL A 13 5.63 19.11 19.39
N GLU A 14 6.37 20.18 19.67
CA GLU A 14 6.86 21.04 18.60
C GLU A 14 7.84 20.29 17.70
N ARG A 15 8.73 19.50 18.30
CA ARG A 15 9.66 18.70 17.52
C ARG A 15 8.92 17.68 16.67
N SER A 16 7.89 17.05 17.23
CA SER A 16 7.09 16.10 16.46
C SER A 16 6.38 16.78 15.30
N LYS A 17 5.86 17.99 15.52
CA LYS A 17 5.18 18.71 14.46
C LYS A 17 6.14 19.11 13.35
N MET A 18 7.34 19.57 13.70
CA MET A 18 8.34 19.90 12.69
C MET A 18 8.75 18.66 11.92
N ILE A 19 8.92 17.53 12.61
CA ILE A 19 9.28 16.28 11.96
C ILE A 19 8.17 15.85 11.01
N ASP A 20 6.92 15.99 11.42
CA ASP A 20 5.80 15.60 10.57
C ASP A 20 5.69 16.52 9.35
N ARG A 21 5.99 17.81 9.52
CA ARG A 21 6.01 18.71 8.37
C ARG A 21 7.08 18.31 7.38
N ASN A 22 8.27 17.97 7.87
CA ASN A 22 9.33 17.49 6.98
C ASN A 22 8.93 16.18 6.31
N LEU A 23 8.24 15.31 7.05
CA LEU A 23 7.76 14.06 6.47
C LEU A 23 6.77 14.31 5.35
N ARG A 24 5.85 15.25 5.54
CA ARG A 24 4.88 15.58 4.50
C ARG A 24 5.57 16.19 3.29
N GLU A 25 6.56 17.04 3.52
CA GLU A 25 7.32 17.60 2.39
C GLU A 25 8.04 16.51 1.62
N ASP A 26 8.68 15.58 2.33
CA ASP A 26 9.39 14.49 1.66
C ASP A 26 8.42 13.59 0.89
N GLY A 27 7.24 13.33 1.47
CA GLY A 27 6.26 12.52 0.76
C GLY A 27 5.71 13.20 -0.48
N GLU A 28 5.48 14.51 -0.41
CA GLU A 28 5.06 15.26 -1.58
C GLU A 28 6.14 15.23 -2.66
N LYS A 29 7.40 15.38 -2.26
CA LYS A 29 8.49 15.33 -3.23
C LYS A 29 8.61 13.94 -3.86
N ALA A 30 8.42 12.89 -3.06
CA ALA A 30 8.54 11.53 -3.57
C ALA A 30 7.31 11.06 -4.33
N ALA A 31 6.19 11.79 -4.21
CA ALA A 31 5.02 11.47 -5.02
C ALA A 31 5.10 12.05 -6.43
N ARG A 32 6.05 12.93 -6.69
CA ARG A 32 6.23 13.54 -8.00
C ARG A 32 7.16 12.75 -8.90
N GLU A 33 7.65 11.60 -8.43
CA GLU A 33 8.60 10.78 -9.16
C GLU A 33 7.94 9.50 -9.64
N VAL A 34 8.23 9.11 -10.87
CA VAL A 34 7.69 7.89 -11.46
C VAL A 34 8.62 6.74 -11.12
N LYS A 35 8.09 5.75 -10.42
CA LYS A 35 8.89 4.61 -9.95
C LYS A 35 8.77 3.47 -10.97
N LEU A 36 9.89 3.08 -11.55
CA LEU A 36 9.94 2.02 -12.54
C LEU A 36 10.79 0.87 -12.01
N LEU A 37 10.29 -0.34 -12.14
CA LEU A 37 11.01 -1.53 -11.69
C LEU A 37 11.71 -2.15 -12.89
N LEU A 38 13.04 -2.08 -12.91
CA LEU A 38 13.83 -2.63 -14.01
C LEU A 38 14.11 -4.10 -13.74
N LEU A 39 13.78 -4.96 -14.71
CA LEU A 39 13.92 -6.39 -14.56
C LEU A 39 14.46 -7.00 -15.85
N GLY A 40 14.96 -8.21 -15.73
CA GLY A 40 15.50 -8.92 -16.88
C GLY A 40 16.54 -9.92 -16.42
N ALA A 41 17.13 -10.60 -17.40
CA ALA A 41 18.20 -11.55 -17.14
C ALA A 41 19.51 -10.83 -16.91
N GLY A 42 20.57 -11.59 -16.65
CA GLY A 42 21.88 -11.01 -16.42
C GLY A 42 22.42 -10.25 -17.61
N GLU A 43 22.71 -10.97 -18.69
CA GLU A 43 23.17 -10.35 -19.94
C GLU A 43 22.00 -10.16 -20.90
N SER A 44 21.05 -9.34 -20.48
CA SER A 44 19.83 -9.08 -21.24
C SER A 44 19.74 -7.64 -21.72
N GLY A 45 20.86 -6.92 -21.73
CA GLY A 45 20.86 -5.53 -22.17
C GLY A 45 20.35 -4.55 -21.15
N LYS A 46 20.21 -4.95 -19.88
CA LYS A 46 19.77 -4.02 -18.84
C LYS A 46 20.76 -2.88 -18.66
N ASN A 47 22.06 -3.21 -18.65
CA ASN A 47 23.09 -2.17 -18.51
C ASN A 47 23.07 -1.22 -19.70
N THR A 48 22.79 -1.74 -20.90
CA THR A 48 22.67 -0.89 -22.08
C THR A 48 21.55 0.11 -21.92
N ILE A 49 20.39 -0.34 -21.43
CA ILE A 49 19.26 0.55 -21.18
C ILE A 49 19.61 1.58 -20.12
N VAL A 50 20.25 1.15 -19.03
CA VAL A 50 20.63 2.08 -17.96
C VAL A 50 21.54 3.17 -18.51
N LYS A 51 22.58 2.78 -19.25
CA LYS A 51 23.51 3.76 -19.81
C LYS A 51 22.80 4.67 -20.81
N GLN A 52 21.87 4.11 -21.60
CA GLN A 52 21.16 4.92 -22.58
C GLN A 52 20.31 5.99 -21.90
N MET A 53 19.69 5.66 -20.76
CA MET A 53 18.89 6.66 -20.08
C MET A 53 19.74 7.76 -19.45
N LYS A 54 20.81 7.39 -18.74
CA LYS A 54 21.64 8.36 -18.06
C LYS A 54 22.83 8.75 -18.93
N ILE A 55 22.52 9.37 -20.07
CA ILE A 55 23.53 9.83 -21.00
C ILE A 55 23.95 11.25 -20.63
N ILE A 56 22.96 12.15 -20.54
CA ILE A 56 23.23 13.55 -20.21
C ILE A 56 22.43 14.04 -19.01
N HIS A 57 21.40 13.32 -18.59
CA HIS A 57 20.59 13.70 -17.43
C HIS A 57 20.67 12.58 -16.41
N GLU A 58 21.41 12.81 -15.33
CA GLU A 58 21.62 11.82 -14.29
C GLU A 58 21.32 12.45 -12.93
N ALA A 59 20.88 11.61 -12.00
CA ALA A 59 20.58 12.03 -10.63
C ALA A 59 19.63 13.22 -10.59
N GLY A 60 18.62 13.18 -11.46
CA GLY A 60 17.65 14.25 -11.57
C GLY A 60 17.82 15.08 -12.82
N THR A 177 32.10 9.22 3.13
CA THR A 177 32.53 8.09 2.33
C THR A 177 31.46 6.99 2.30
N ARG A 178 30.61 7.04 1.28
CA ARG A 178 29.55 6.04 1.15
C ARG A 178 30.13 4.69 0.76
N VAL A 179 29.39 3.63 1.06
CA VAL A 179 29.79 2.26 0.78
C VAL A 179 28.95 1.73 -0.38
N LYS A 180 29.60 1.07 -1.34
CA LYS A 180 28.87 0.45 -2.44
C LYS A 180 27.89 -0.58 -1.90
N THR A 181 26.68 -0.55 -2.44
CA THR A 181 25.61 -1.40 -1.91
C THR A 181 25.47 -2.72 -2.67
N THR A 182 25.47 -2.68 -4.01
CA THR A 182 25.43 -3.86 -4.86
C THR A 182 24.09 -4.59 -4.71
N GLY A 183 23.23 -4.10 -3.83
CA GLY A 183 21.94 -4.73 -3.61
C GLY A 183 20.90 -4.34 -4.63
N ILE A 184 20.57 -3.05 -4.68
CA ILE A 184 19.62 -2.49 -5.63
C ILE A 184 20.20 -1.20 -6.17
N VAL A 185 20.17 -1.05 -7.49
CA VAL A 185 20.71 0.17 -8.15
C VAL A 185 19.55 1.16 -8.29
N GLU A 186 19.80 2.43 -8.04
CA GLU A 186 18.86 3.53 -8.26
C GLU A 186 19.34 4.35 -9.43
N THR A 187 18.45 4.57 -10.41
CA THR A 187 18.74 5.44 -11.54
C THR A 187 17.66 6.52 -11.61
N HIS A 188 18.03 7.74 -11.23
CA HIS A 188 17.11 8.87 -11.24
C HIS A 188 17.42 9.74 -12.45
N PHE A 189 16.43 9.89 -13.34
CA PHE A 189 16.61 10.73 -14.51
C PHE A 189 15.32 11.50 -14.80
N THR A 190 15.48 12.70 -15.34
CA THR A 190 14.36 13.57 -15.66
C THR A 190 14.23 13.68 -17.17
N PHE A 191 13.04 13.36 -17.68
CA PHE A 191 12.74 13.48 -19.10
C PHE A 191 11.42 14.21 -19.28
N LYS A 192 11.44 15.28 -20.08
CA LYS A 192 10.27 16.08 -20.37
C LYS A 192 9.55 16.50 -19.09
N ASP A 193 10.33 17.00 -18.13
CA ASP A 193 9.84 17.49 -16.84
C ASP A 193 9.17 16.40 -16.02
N LEU A 194 9.48 15.14 -16.28
CA LEU A 194 8.98 14.01 -15.51
C LEU A 194 10.15 13.30 -14.87
N HIS A 195 10.07 13.08 -13.56
CA HIS A 195 11.13 12.43 -12.80
C HIS A 195 10.87 10.93 -12.74
N PHE A 196 11.86 10.14 -13.17
CA PHE A 196 11.78 8.69 -13.15
C PHE A 196 12.87 8.16 -12.21
N LYS A 197 12.47 7.27 -11.31
CA LYS A 197 13.42 6.44 -10.59
C LYS A 197 13.26 5.00 -11.05
N MET A 198 14.36 4.42 -11.50
CA MET A 198 14.37 3.07 -12.05
C MET A 198 15.21 2.19 -11.13
N PHE A 199 14.64 1.06 -10.72
CA PHE A 199 15.21 0.18 -9.71
C PHE A 199 15.75 -1.07 -10.38
N ASP A 200 17.08 -1.19 -10.42
CA ASP A 200 17.72 -2.38 -10.95
C ASP A 200 17.90 -3.38 -9.82
N VAL A 201 17.20 -4.51 -9.91
CA VAL A 201 17.27 -5.56 -8.90
C VAL A 201 17.87 -6.82 -9.50
N GLY A 202 18.69 -6.65 -10.54
CA GLY A 202 19.34 -7.80 -11.16
C GLY A 202 20.43 -8.41 -10.32
N ALA A 203 21.01 -7.65 -9.39
CA ALA A 203 22.05 -8.14 -8.50
C ALA A 203 21.49 -8.73 -7.21
N GLN A 204 20.16 -8.78 -7.07
CA GLN A 204 19.53 -9.36 -5.89
C GLN A 204 19.32 -10.86 -6.14
N ARG A 205 20.41 -11.61 -5.90
CA ARG A 205 20.40 -13.06 -6.10
C ARG A 205 19.77 -13.71 -4.86
N SER A 206 18.44 -13.81 -4.88
CA SER A 206 17.70 -14.40 -3.78
C SER A 206 16.32 -14.76 -4.28
N GLU A 207 15.45 -15.18 -3.36
CA GLU A 207 14.08 -15.53 -3.72
C GLU A 207 13.29 -14.26 -4.02
N ARG A 208 12.73 -14.19 -5.23
CA ARG A 208 12.07 -12.97 -5.68
C ARG A 208 10.79 -12.70 -4.90
N LYS A 209 10.04 -13.74 -4.55
CA LYS A 209 8.76 -13.53 -3.88
C LYS A 209 8.91 -12.95 -2.48
N LYS A 210 10.12 -12.96 -1.91
CA LYS A 210 10.36 -12.37 -0.61
C LYS A 210 10.62 -10.87 -0.68
N TRP A 211 10.83 -10.31 -1.88
CA TRP A 211 11.04 -8.87 -1.99
C TRP A 211 10.29 -8.23 -3.15
N ILE A 212 9.57 -9.00 -3.97
CA ILE A 212 8.87 -8.41 -5.10
C ILE A 212 7.71 -7.55 -4.63
N HIS A 213 7.08 -7.92 -3.50
CA HIS A 213 5.99 -7.13 -2.97
C HIS A 213 6.43 -5.74 -2.52
N CYS A 214 7.73 -5.54 -2.33
CA CYS A 214 8.25 -4.21 -2.03
C CYS A 214 8.04 -3.25 -3.20
N PHE A 215 7.87 -3.78 -4.40
CA PHE A 215 7.69 -2.95 -5.59
C PHE A 215 6.25 -2.88 -6.04
N GLU A 216 5.31 -3.36 -5.23
CA GLU A 216 3.90 -3.15 -5.52
C GLU A 216 3.58 -1.67 -5.43
N GLY A 217 3.13 -1.10 -6.54
CA GLY A 217 2.87 0.32 -6.63
C GLY A 217 3.79 1.09 -7.54
N VAL A 218 4.73 0.42 -8.22
CA VAL A 218 5.52 1.08 -9.24
C VAL A 218 4.63 1.43 -10.43
N THR A 219 4.96 2.52 -11.11
CA THR A 219 4.17 2.93 -12.27
C THR A 219 4.26 1.89 -13.38
N ALA A 220 5.46 1.35 -13.62
CA ALA A 220 5.63 0.36 -14.66
C ALA A 220 6.83 -0.52 -14.36
N ILE A 221 6.88 -1.67 -15.02
CA ILE A 221 7.99 -2.59 -14.95
C ILE A 221 8.69 -2.56 -16.29
N ILE A 222 9.92 -2.06 -16.33
CA ILE A 222 10.72 -2.07 -17.54
C ILE A 222 11.42 -3.42 -17.60
N PHE A 223 10.91 -4.32 -18.44
CA PHE A 223 11.45 -5.67 -18.58
C PHE A 223 12.29 -5.72 -19.84
N CYS A 224 13.59 -5.93 -19.67
CA CYS A 224 14.53 -5.94 -20.79
C CYS A 224 14.99 -7.38 -21.05
N VAL A 225 14.81 -7.84 -22.28
CA VAL A 225 15.28 -9.16 -22.69
C VAL A 225 16.14 -9.00 -23.93
N ALA A 226 17.23 -9.75 -24.00
CA ALA A 226 18.09 -9.71 -25.16
C ALA A 226 17.50 -10.57 -26.28
N LEU A 227 17.32 -9.97 -27.46
CA LEU A 227 16.84 -10.73 -28.59
C LEU A 227 17.86 -11.75 -29.06
N SER A 228 19.14 -11.47 -28.85
CA SER A 228 20.23 -12.29 -29.38
C SER A 228 20.54 -13.50 -28.51
N ASP A 229 19.86 -13.68 -27.39
CA ASP A 229 20.14 -14.81 -26.51
C ASP A 229 19.24 -16.00 -26.77
N TYR A 230 18.45 -15.97 -27.85
CA TYR A 230 17.64 -17.12 -28.21
C TYR A 230 18.51 -18.33 -28.55
N ASP A 231 19.61 -18.09 -29.27
CA ASP A 231 20.55 -19.17 -29.57
C ASP A 231 21.31 -19.59 -28.33
N LEU A 232 21.73 -18.62 -27.52
CA LEU A 232 22.53 -18.91 -26.34
C LEU A 232 21.70 -19.65 -25.29
N VAL A 233 22.41 -20.40 -24.44
CA VAL A 233 21.78 -21.14 -23.35
C VAL A 233 22.46 -20.76 -22.06
N LEU A 234 21.76 -20.97 -20.95
CA LEU A 234 22.29 -20.64 -19.64
C LEU A 234 23.48 -21.52 -19.30
N ALA A 235 24.44 -20.96 -18.57
CA ALA A 235 25.61 -21.71 -18.14
C ALA A 235 25.27 -22.79 -17.11
N GLU A 236 24.10 -22.70 -16.47
CA GLU A 236 23.72 -23.71 -15.49
C GLU A 236 23.52 -25.07 -16.14
N ASP A 237 22.86 -25.10 -17.30
CA ASP A 237 22.64 -26.35 -18.01
C ASP A 237 22.46 -26.05 -19.49
N GLU A 238 22.95 -26.95 -20.34
CA GLU A 238 22.89 -26.74 -21.78
C GLU A 238 21.45 -26.73 -22.27
N GLU A 239 20.60 -27.60 -21.73
CA GLU A 239 19.22 -27.74 -22.20
C GLU A 239 18.30 -26.71 -21.54
N MET A 240 18.67 -25.44 -21.62
CA MET A 240 17.81 -24.37 -21.10
C MET A 240 18.20 -23.09 -21.84
N ASN A 241 17.33 -22.65 -22.75
CA ASN A 241 17.61 -21.45 -23.52
C ASN A 241 17.54 -20.20 -22.64
N ARG A 242 18.41 -19.24 -22.93
CA ARG A 242 18.33 -17.96 -22.24
C ARG A 242 17.01 -17.25 -22.53
N MET A 243 16.54 -17.34 -23.78
CA MET A 243 15.26 -16.75 -24.13
C MET A 243 14.12 -17.41 -23.37
N HIS A 244 14.20 -18.73 -23.17
CA HIS A 244 13.16 -19.41 -22.39
C HIS A 244 13.20 -18.99 -20.93
N ALA A 245 14.39 -18.78 -20.38
CA ALA A 245 14.48 -18.28 -19.00
C ALA A 245 13.91 -16.88 -18.88
N SER A 246 14.21 -16.01 -19.85
CA SER A 246 13.63 -14.68 -19.85
C SER A 246 12.12 -14.73 -19.99
N MET A 247 11.61 -15.65 -20.82
CA MET A 247 10.17 -15.81 -20.98
C MET A 247 9.53 -16.29 -19.69
N LYS A 248 10.16 -17.23 -18.99
CA LYS A 248 9.62 -17.69 -17.73
C LYS A 248 9.61 -16.57 -16.69
N LEU A 249 10.68 -15.77 -16.64
CA LEU A 249 10.70 -14.64 -15.72
C LEU A 249 9.63 -13.62 -16.07
N PHE A 250 9.42 -13.35 -17.36
CA PHE A 250 8.38 -12.42 -17.77
C PHE A 250 7.00 -12.94 -17.42
N ASP A 251 6.76 -14.23 -17.60
CA ASP A 251 5.48 -14.82 -17.24
C ASP A 251 5.25 -14.73 -15.73
N SER A 252 6.30 -14.99 -14.95
CA SER A 252 6.18 -14.89 -13.50
C SER A 252 5.89 -13.47 -13.05
N ILE A 253 6.58 -12.49 -13.64
CA ILE A 253 6.46 -11.13 -13.15
C ILE A 253 5.21 -10.44 -13.68
N CYS A 254 4.75 -10.81 -14.87
CA CYS A 254 3.55 -10.23 -15.45
C CYS A 254 2.28 -10.71 -14.78
N ASN A 255 2.34 -11.79 -14.00
CA ASN A 255 1.15 -12.40 -13.42
C ASN A 255 1.25 -12.55 -11.90
N ASN A 256 2.13 -11.80 -11.24
CA ASN A 256 2.13 -11.79 -9.78
C ASN A 256 0.86 -11.15 -9.25
N LYS A 257 0.49 -11.51 -8.03
CA LYS A 257 -0.60 -10.85 -7.35
C LYS A 257 -0.30 -9.39 -7.04
N TRP A 258 0.99 -9.01 -7.03
CA TRP A 258 1.38 -7.64 -6.73
C TRP A 258 1.35 -6.74 -7.94
N PHE A 259 1.32 -7.30 -9.15
CA PHE A 259 1.39 -6.54 -10.39
C PHE A 259 0.19 -6.84 -11.28
N THR A 260 -1.01 -6.85 -10.70
CA THR A 260 -2.21 -7.06 -11.49
C THR A 260 -2.48 -5.87 -12.41
N ASP A 261 -2.32 -4.65 -11.89
CA ASP A 261 -2.60 -3.44 -12.64
C ASP A 261 -1.36 -2.74 -13.16
N THR A 262 -0.18 -3.32 -12.94
CA THR A 262 1.08 -2.68 -13.30
C THR A 262 1.45 -3.03 -14.73
N SER A 263 1.61 -2.02 -15.58
CA SER A 263 1.96 -2.24 -16.96
C SER A 263 3.46 -2.54 -17.10
N ILE A 264 3.81 -3.17 -18.21
CA ILE A 264 5.18 -3.59 -18.48
C ILE A 264 5.65 -2.93 -19.76
N ILE A 265 6.75 -2.19 -19.66
CA ILE A 265 7.45 -1.66 -20.83
C ILE A 265 8.50 -2.70 -21.22
N LEU A 266 8.26 -3.40 -22.32
CA LEU A 266 9.12 -4.49 -22.74
C LEU A 266 10.15 -3.98 -23.74
N PHE A 267 11.42 -4.13 -23.41
CA PHE A 267 12.52 -3.78 -24.28
C PHE A 267 13.14 -5.05 -24.85
N LEU A 268 13.30 -5.09 -26.16
CA LEU A 268 13.91 -6.21 -26.86
C LEU A 268 15.28 -5.73 -27.36
N ASN A 269 16.29 -5.89 -26.50
CA ASN A 269 17.61 -5.34 -26.77
C ASN A 269 18.33 -6.19 -27.82
N LYS A 270 19.42 -5.63 -28.33
CA LYS A 270 20.32 -6.32 -29.27
C LYS A 270 19.57 -6.77 -30.53
N LYS A 271 18.95 -5.80 -31.21
CA LYS A 271 18.25 -6.11 -32.45
C LYS A 271 19.24 -6.43 -33.57
N ASP A 272 20.37 -5.72 -33.61
CA ASP A 272 21.35 -5.96 -34.68
C ASP A 272 22.04 -7.31 -34.50
N LEU A 273 22.44 -7.65 -33.28
CA LEU A 273 23.04 -8.96 -33.03
C LEU A 273 22.04 -10.06 -33.32
N PHE A 274 20.77 -9.86 -32.96
CA PHE A 274 19.73 -10.83 -33.28
C PHE A 274 19.57 -11.00 -34.78
N GLU A 275 19.61 -9.89 -35.53
CA GLU A 275 19.50 -9.97 -36.98
C GLU A 275 20.67 -10.74 -37.57
N GLU A 276 21.89 -10.48 -37.09
CA GLU A 276 23.04 -11.23 -37.58
C GLU A 276 22.92 -12.71 -37.24
N LYS A 277 22.47 -13.02 -36.01
CA LYS A 277 22.34 -14.41 -35.60
C LYS A 277 21.32 -15.16 -36.45
N ILE A 278 20.17 -14.54 -36.70
CA ILE A 278 19.16 -15.20 -37.53
C ILE A 278 19.59 -15.26 -39.00
N LYS A 279 20.46 -14.33 -39.43
CA LYS A 279 21.10 -14.50 -40.73
C LYS A 279 21.97 -15.75 -40.75
N LYS A 280 22.67 -16.02 -39.64
CA LYS A 280 23.52 -17.20 -39.55
C LYS A 280 22.77 -18.44 -39.06
N SER A 281 22.12 -18.35 -37.90
CA SER A 281 21.47 -19.49 -37.26
C SER A 281 19.95 -19.35 -37.31
N PRO A 282 19.22 -20.44 -37.51
CA PRO A 282 17.77 -20.35 -37.58
C PRO A 282 17.14 -20.18 -36.20
N LEU A 283 15.92 -19.63 -36.21
CA LEU A 283 15.17 -19.38 -34.99
C LEU A 283 14.41 -20.60 -34.50
N THR A 284 14.37 -21.69 -35.27
CA THR A 284 13.61 -22.87 -34.89
C THR A 284 14.17 -23.53 -33.64
N ILE A 285 15.44 -23.29 -33.30
CA ILE A 285 16.02 -23.91 -32.10
C ILE A 285 15.39 -23.33 -30.85
N CYS A 286 15.10 -22.03 -30.84
CA CYS A 286 14.43 -21.43 -29.69
C CYS A 286 12.95 -21.79 -29.65
N TYR A 287 12.27 -21.76 -30.79
CA TYR A 287 10.86 -22.10 -30.89
C TYR A 287 10.70 -23.20 -31.93
N PRO A 288 10.65 -24.47 -31.52
CA PRO A 288 10.42 -25.55 -32.48
C PRO A 288 9.09 -25.42 -33.21
N GLU A 289 8.07 -24.85 -32.56
CA GLU A 289 6.77 -24.67 -33.20
C GLU A 289 6.79 -23.55 -34.24
N TYR A 290 7.79 -22.68 -34.19
CA TYR A 290 7.86 -21.58 -35.15
C TYR A 290 8.16 -22.09 -36.55
N ALA A 291 7.47 -21.51 -37.54
CA ALA A 291 7.67 -21.87 -38.93
C ALA A 291 7.47 -20.63 -39.79
N GLY A 292 8.49 -20.28 -40.55
CA GLY A 292 8.41 -19.11 -41.41
C GLY A 292 9.79 -18.75 -41.92
N SER A 293 9.81 -17.75 -42.81
CA SER A 293 11.06 -17.28 -43.37
C SER A 293 11.89 -16.60 -42.29
N ASN A 294 13.21 -16.80 -42.37
CA ASN A 294 14.15 -16.26 -41.40
C ASN A 294 14.53 -14.85 -41.82
N THR A 295 13.93 -13.86 -41.18
CA THR A 295 14.25 -12.46 -41.43
C THR A 295 14.01 -11.69 -40.14
N TYR A 296 14.58 -10.49 -40.07
CA TYR A 296 14.52 -9.71 -38.84
C TYR A 296 13.07 -9.35 -38.48
N GLU A 297 12.29 -8.92 -39.48
CA GLU A 297 10.94 -8.47 -39.20
C GLU A 297 10.07 -9.59 -38.64
N GLU A 298 10.02 -10.73 -39.35
CA GLU A 298 9.13 -11.81 -38.95
C GLU A 298 9.55 -12.43 -37.62
N ALA A 299 10.85 -12.71 -37.46
CA ALA A 299 11.32 -13.31 -36.22
C ALA A 299 11.15 -12.37 -35.03
N ALA A 300 11.45 -11.08 -35.23
CA ALA A 300 11.27 -10.10 -34.16
C ALA A 300 9.81 -9.99 -33.77
N ALA A 301 8.91 -9.95 -34.77
CA ALA A 301 7.49 -9.88 -34.48
C ALA A 301 7.01 -11.14 -33.76
N TYR A 302 7.56 -12.30 -34.14
CA TYR A 302 7.18 -13.54 -33.47
C TYR A 302 7.60 -13.54 -32.01
N ILE A 303 8.83 -13.07 -31.73
CA ILE A 303 9.29 -13.01 -30.34
C ILE A 303 8.46 -12.01 -29.55
N GLN A 304 8.16 -10.87 -30.15
CA GLN A 304 7.33 -9.88 -29.47
C GLN A 304 5.94 -10.44 -29.16
N CYS A 305 5.35 -11.15 -30.11
CA CYS A 305 4.03 -11.75 -29.90
C CYS A 305 4.09 -12.84 -28.83
N GLN A 306 5.17 -13.63 -28.81
CA GLN A 306 5.31 -14.66 -27.79
C GLN A 306 5.40 -14.04 -26.40
N PHE A 307 6.12 -12.93 -26.28
CA PHE A 307 6.18 -12.25 -24.98
C PHE A 307 4.86 -11.57 -24.64
N GLU A 308 4.13 -11.07 -25.65
CA GLU A 308 2.84 -10.45 -25.41
C GLU A 308 1.81 -11.45 -24.91
N ASP A 309 1.81 -12.66 -25.48
CA ASP A 309 0.82 -13.68 -25.14
C ASP A 309 0.95 -14.16 -23.70
N LEU A 310 2.07 -13.90 -23.04
CA LEU A 310 2.25 -14.27 -21.64
C LEU A 310 1.38 -13.45 -20.70
N ASN A 311 0.77 -12.37 -21.18
CA ASN A 311 -0.03 -11.49 -20.34
C ASN A 311 -1.39 -12.13 -20.12
N LYS A 312 -1.57 -12.74 -18.96
CA LYS A 312 -2.89 -13.26 -18.59
C LYS A 312 -3.83 -12.13 -18.18
N ARG A 313 -3.29 -11.04 -17.65
CA ARG A 313 -4.09 -9.89 -17.24
C ARG A 313 -4.21 -8.88 -18.38
N LYS A 314 -4.85 -9.33 -19.46
CA LYS A 314 -4.96 -8.50 -20.66
C LYS A 314 -5.77 -7.25 -20.40
N ASP A 315 -6.86 -7.37 -19.64
CA ASP A 315 -7.75 -6.22 -19.45
C ASP A 315 -7.14 -5.20 -18.48
N THR A 316 -6.53 -5.67 -17.40
CA THR A 316 -6.05 -4.75 -16.36
C THR A 316 -4.75 -4.06 -16.75
N LYS A 317 -3.88 -4.74 -17.49
CA LYS A 317 -2.55 -4.20 -17.78
C LYS A 317 -2.26 -4.29 -19.28
N GLU A 318 -1.26 -3.52 -19.69
CA GLU A 318 -0.83 -3.46 -21.08
C GLU A 318 0.69 -3.62 -21.15
N ILE A 319 1.16 -4.18 -22.24
CA ILE A 319 2.59 -4.36 -22.47
C ILE A 319 3.01 -3.44 -23.62
N TYR A 320 3.98 -2.57 -23.34
CA TYR A 320 4.52 -1.66 -24.34
C TYR A 320 5.87 -2.20 -24.81
N THR A 321 5.90 -2.72 -26.03
CA THR A 321 7.09 -3.36 -26.57
C THR A 321 7.86 -2.39 -27.46
N HIS A 322 9.16 -2.27 -27.22
CA HIS A 322 10.04 -1.44 -28.03
C HIS A 322 11.31 -2.22 -28.32
N PHE A 323 11.82 -2.09 -29.54
CA PHE A 323 13.09 -2.68 -29.91
C PHE A 323 14.18 -1.65 -29.65
N THR A 324 15.05 -1.94 -28.69
CA THR A 324 16.06 -0.97 -28.27
C THR A 324 16.93 -0.55 -29.44
N CYS A 325 17.04 0.75 -29.65
CA CYS A 325 17.80 1.32 -30.74
C CYS A 325 18.92 2.19 -30.20
N SER A 326 19.89 2.48 -31.06
CA SER A 326 21.08 3.22 -30.66
C SER A 326 20.86 4.73 -30.60
N THR A 327 19.69 5.21 -31.00
CA THR A 327 19.43 6.64 -30.96
C THR A 327 19.46 7.15 -29.52
N ASP A 328 20.01 8.35 -29.34
CA ASP A 328 20.35 8.82 -28.00
C ASP A 328 19.13 9.02 -27.11
N THR A 329 17.93 9.15 -27.69
CA THR A 329 16.77 9.51 -26.88
C THR A 329 15.48 8.79 -27.23
N LYS A 330 15.48 7.83 -28.16
CA LYS A 330 14.22 7.18 -28.52
C LYS A 330 13.79 6.17 -27.47
N ASN A 331 14.74 5.53 -26.79
CA ASN A 331 14.36 4.58 -25.73
C ASN A 331 13.74 5.30 -24.54
N VAL A 332 14.36 6.40 -24.10
CA VAL A 332 13.78 7.19 -23.02
C VAL A 332 12.46 7.81 -23.48
N GLN A 333 12.37 8.17 -24.75
CA GLN A 333 11.11 8.68 -25.29
C GLN A 333 10.01 7.63 -25.22
N PHE A 334 10.34 6.38 -25.56
CA PHE A 334 9.35 5.31 -25.46
C PHE A 334 8.94 5.08 -24.01
N VAL A 335 9.92 5.12 -23.10
CA VAL A 335 9.60 4.95 -21.68
C VAL A 335 8.66 6.07 -21.21
N PHE A 336 8.96 7.31 -21.60
CA PHE A 336 8.12 8.43 -21.23
C PHE A 336 6.73 8.31 -21.81
N ASP A 337 6.62 7.93 -23.09
CA ASP A 337 5.32 7.77 -23.72
C ASP A 337 4.51 6.68 -23.04
N ALA A 338 5.15 5.54 -22.73
CA ALA A 338 4.45 4.46 -22.06
C ALA A 338 4.00 4.87 -20.66
N VAL A 339 4.85 5.60 -19.94
CA VAL A 339 4.50 6.04 -18.59
C VAL A 339 3.35 7.03 -18.62
N THR A 340 3.39 7.99 -19.54
CA THR A 340 2.30 8.95 -19.66
C THR A 340 1.01 8.27 -20.11
N ASP A 341 1.10 7.29 -21.00
CA ASP A 341 -0.08 6.52 -21.38
C ASP A 341 -0.65 5.77 -20.18
N VAL A 342 0.23 5.18 -19.35
CA VAL A 342 -0.21 4.49 -18.15
C VAL A 342 -0.93 5.45 -17.21
N ILE A 343 -0.36 6.64 -17.01
CA ILE A 343 -0.97 7.62 -16.11
C ILE A 343 -2.33 8.06 -16.65
N ILE A 344 -2.40 8.34 -17.95
CA ILE A 344 -3.65 8.81 -18.55
C ILE A 344 -4.71 7.72 -18.45
N LYS A 345 -4.33 6.47 -18.71
CA LYS A 345 -5.29 5.38 -18.65
C LYS A 345 -5.74 5.10 -17.23
N ASN A 346 -4.83 5.25 -16.25
CA ASN A 346 -5.23 5.11 -14.86
C ASN A 346 -6.21 6.20 -14.45
N ASN A 347 -5.97 7.43 -14.90
CA ASN A 347 -6.90 8.52 -14.63
C ASN A 347 -8.25 8.24 -15.29
N LEU A 348 -8.24 7.74 -16.52
CA LEU A 348 -9.49 7.40 -17.20
C LEU A 348 -10.24 6.31 -16.45
N LYS A 349 -9.52 5.32 -15.94
CA LYS A 349 -10.15 4.28 -15.12
C LYS A 349 -10.75 4.86 -13.86
N ASP A 350 -10.06 5.82 -13.25
CA ASP A 350 -10.60 6.50 -12.04
C ASP A 350 -11.91 7.20 -12.40
N CYS A 351 -11.94 7.90 -13.52
CA CYS A 351 -13.16 8.63 -13.97
C CYS A 351 -14.24 7.61 -14.38
N GLY A 352 -13.83 6.44 -14.87
CA GLY A 352 -14.81 5.41 -15.33
C GLY A 352 -14.90 5.37 -16.84
N LEU A 353 -13.88 5.85 -17.54
CA LEU A 353 -13.91 5.91 -19.03
C LEU A 353 -12.95 4.86 -19.60
N PHE A 354 -12.44 3.95 -18.77
CA PHE A 354 -11.49 2.91 -19.22
C PHE A 354 -11.70 1.63 -18.42
N ASP B 23 28.65 -38.56 -3.51
CA ASP B 23 29.43 -39.70 -3.06
C ASP B 23 28.58 -40.50 -2.06
N GLN B 24 29.19 -41.47 -1.38
CA GLN B 24 28.44 -42.32 -0.45
C GLN B 24 28.08 -41.62 0.85
N LEU B 25 28.69 -40.46 1.12
CA LEU B 25 28.44 -39.76 2.39
C LEU B 25 26.97 -39.52 2.61
N ARG B 26 26.26 -39.04 1.57
CA ARG B 26 24.83 -38.79 1.66
C ARG B 26 24.11 -39.94 2.36
N GLN B 27 24.48 -41.18 2.03
CA GLN B 27 23.86 -42.34 2.66
C GLN B 27 23.89 -42.20 4.18
N GLU B 28 25.09 -42.20 4.78
CA GLU B 28 25.12 -42.10 6.23
C GLU B 28 24.49 -40.80 6.70
N ALA B 29 24.57 -39.76 5.86
CA ALA B 29 23.93 -38.49 6.20
C ALA B 29 22.46 -38.71 6.51
N GLU B 30 21.72 -39.36 5.61
CA GLU B 30 20.31 -39.58 5.88
C GLU B 30 20.14 -40.49 7.08
N GLN B 31 21.05 -41.46 7.24
CA GLN B 31 21.05 -42.28 8.44
C GLN B 31 21.09 -41.39 9.69
N LEU B 32 22.03 -40.44 9.71
CA LEU B 32 22.10 -39.51 10.82
C LEU B 32 20.77 -38.80 11.00
N LYS B 33 20.19 -38.32 9.90
CA LYS B 33 18.87 -37.70 9.97
C LYS B 33 17.88 -38.61 10.67
N ASN B 34 17.79 -39.85 10.20
CA ASN B 34 16.88 -40.80 10.83
C ASN B 34 17.20 -40.93 12.31
N GLN B 35 18.48 -41.07 12.65
CA GLN B 35 18.86 -41.18 14.04
C GLN B 35 18.35 -39.99 14.84
N ILE B 36 18.55 -38.78 14.30
CA ILE B 36 18.07 -37.59 14.99
C ILE B 36 16.58 -37.71 15.23
N ARG B 37 15.82 -38.07 14.19
CA ARG B 37 14.39 -38.24 14.34
C ARG B 37 14.09 -39.24 15.44
N ASP B 38 14.78 -40.38 15.42
CA ASP B 38 14.58 -41.40 16.44
C ASP B 38 14.84 -40.82 17.82
N ALA B 39 15.93 -40.05 17.96
CA ALA B 39 16.22 -39.42 19.24
C ALA B 39 15.06 -38.54 19.67
N ARG B 40 14.53 -37.74 18.75
CA ARG B 40 13.37 -36.91 19.08
C ARG B 40 12.16 -37.79 19.40
N LYS B 41 11.98 -38.87 18.64
CA LYS B 41 10.90 -39.79 18.95
C LYS B 41 11.13 -40.47 20.30
N ALA B 42 12.39 -40.56 20.73
CA ALA B 42 12.67 -41.08 22.05
C ALA B 42 12.25 -40.09 23.14
N CYS B 43 12.34 -38.79 22.85
CA CYS B 43 12.03 -37.76 23.82
C CYS B 43 10.57 -37.33 23.79
N ALA B 44 9.79 -37.76 22.80
CA ALA B 44 8.40 -37.34 22.67
C ALA B 44 7.51 -38.36 23.36
N ASP B 45 7.31 -38.16 24.66
CA ASP B 45 6.47 -39.04 25.46
C ASP B 45 5.09 -38.46 25.74
N ALA B 46 5.00 -37.16 25.98
CA ALA B 46 3.73 -36.50 26.24
C ALA B 46 3.76 -35.10 25.64
N THR B 47 2.85 -34.84 24.70
CA THR B 47 2.83 -33.58 24.00
C THR B 47 2.46 -32.44 24.94
N LEU B 48 2.79 -31.22 24.53
CA LEU B 48 2.50 -30.04 25.35
C LEU B 48 1.00 -29.86 25.55
N SER B 49 0.19 -30.29 24.59
CA SER B 49 -1.27 -30.21 24.76
C SER B 49 -1.72 -31.09 25.91
N GLN B 50 -1.18 -32.30 26.03
CA GLN B 50 -1.56 -33.19 27.11
C GLN B 50 -1.11 -32.65 28.47
N ILE B 51 0.09 -32.07 28.53
CA ILE B 51 0.62 -31.58 29.81
C ILE B 51 -0.20 -30.39 30.31
N THR B 52 -0.57 -29.48 29.41
CA THR B 52 -1.32 -28.29 29.78
C THR B 52 -2.84 -28.49 29.67
N ASN B 53 -3.31 -29.74 29.70
CA ASN B 53 -4.73 -29.98 29.59
C ASN B 53 -5.48 -29.47 30.82
N ASN B 54 -4.89 -29.60 32.00
CA ASN B 54 -5.54 -29.19 33.23
C ASN B 54 -5.40 -27.69 33.51
N ILE B 55 -4.61 -26.98 32.72
CA ILE B 55 -4.41 -25.55 32.95
C ILE B 55 -5.69 -24.80 32.62
N ASP B 56 -6.07 -23.87 33.49
CA ASP B 56 -7.24 -23.05 33.23
C ASP B 56 -7.00 -22.20 31.99
N PRO B 57 -7.96 -22.16 31.05
CA PRO B 57 -7.74 -21.38 29.82
C PRO B 57 -7.58 -19.90 30.12
N VAL B 58 -6.78 -19.24 29.27
CA VAL B 58 -6.55 -17.80 29.42
C VAL B 58 -7.84 -17.03 29.21
N GLY B 59 -8.75 -17.55 28.39
CA GLY B 59 -9.98 -16.85 28.06
C GLY B 59 -9.77 -15.88 26.93
N ARG B 60 -10.85 -15.18 26.60
CA ARG B 60 -10.81 -14.20 25.52
C ARG B 60 -9.97 -13.00 25.97
N ILE B 61 -9.04 -12.59 25.12
CA ILE B 61 -8.16 -11.47 25.42
C ILE B 61 -8.70 -10.23 24.74
N GLN B 62 -8.97 -9.19 25.53
CA GLN B 62 -9.54 -7.93 25.04
C GLN B 62 -8.42 -6.91 24.93
N MET B 63 -7.93 -6.71 23.70
CA MET B 63 -6.96 -5.66 23.41
C MET B 63 -7.59 -4.65 22.48
N ARG B 64 -7.52 -3.38 22.87
CA ARG B 64 -8.07 -2.28 22.09
C ARG B 64 -6.95 -1.31 21.74
N THR B 65 -6.97 -0.78 20.52
CA THR B 65 -5.91 0.10 20.07
C THR B 65 -5.77 1.30 20.99
N ARG B 66 -4.68 1.37 21.74
CA ARG B 66 -4.45 2.51 22.60
C ARG B 66 -3.96 3.72 21.79
N ARG B 67 -2.84 3.54 21.08
CA ARG B 67 -2.24 4.63 20.29
C ARG B 67 -2.29 4.25 18.81
N THR B 68 -2.38 5.22 17.92
CA THR B 68 -2.23 5.04 16.47
C THR B 68 -1.14 5.97 15.98
N LEU B 69 0.04 5.42 15.74
CA LEU B 69 1.19 6.19 15.26
C LEU B 69 1.03 6.37 13.76
N ARG B 70 0.81 7.63 13.36
CA ARG B 70 0.63 8.02 11.96
C ARG B 70 1.77 8.94 11.54
N GLY B 71 2.15 8.86 10.27
CA GLY B 71 3.24 9.68 9.79
C GLY B 71 4.08 9.00 8.72
N HIS B 72 4.00 7.68 8.64
CA HIS B 72 4.61 6.97 7.54
C HIS B 72 3.74 7.09 6.30
N LEU B 73 4.39 7.24 5.14
CA LEU B 73 3.68 7.44 3.88
C LEU B 73 3.80 6.26 2.94
N ALA B 74 4.33 5.14 3.41
CA ALA B 74 4.43 3.93 2.60
C ALA B 74 4.23 2.73 3.52
N LYS B 75 4.29 1.54 2.92
CA LYS B 75 4.09 0.29 3.69
C LYS B 75 5.22 0.12 4.71
N ILE B 76 4.88 0.04 5.99
CA ILE B 76 5.90 -0.16 7.05
C ILE B 76 6.31 -1.62 7.03
N TYR B 77 7.62 -1.89 7.03
CA TYR B 77 8.11 -3.29 6.96
C TYR B 77 8.72 -3.71 8.30
N ALA B 78 9.09 -2.77 9.17
CA ALA B 78 9.69 -3.20 10.42
C ALA B 78 9.34 -2.26 11.56
N MET B 79 9.40 -2.81 12.77
CA MET B 79 9.41 -2.01 13.98
C MET B 79 10.16 -2.77 15.05
N HIS B 80 10.64 -2.03 16.05
CA HIS B 80 11.32 -2.62 17.19
C HIS B 80 11.14 -1.73 18.41
N TRP B 81 10.71 -2.33 19.51
CA TRP B 81 10.52 -1.59 20.75
C TRP B 81 11.85 -1.28 21.41
N GLY B 82 11.85 -0.24 22.23
CA GLY B 82 13.01 0.05 23.04
C GLY B 82 13.02 -0.74 24.34
N THR B 83 14.20 -0.76 24.98
CA THR B 83 14.32 -1.41 26.27
C THR B 83 13.66 -0.61 27.39
N ASP B 84 13.34 0.66 27.15
CA ASP B 84 12.57 1.44 28.10
C ASP B 84 11.07 1.28 27.91
N SER B 85 10.65 0.50 26.92
CA SER B 85 9.25 0.16 26.64
C SER B 85 8.42 1.38 26.26
N ARG B 86 9.05 2.53 26.06
CA ARG B 86 8.36 3.74 25.65
C ARG B 86 8.71 4.20 24.25
N LEU B 87 9.98 4.19 23.88
CA LEU B 87 10.43 4.59 22.55
C LEU B 87 10.53 3.35 21.67
N LEU B 88 10.07 3.47 20.43
CA LEU B 88 10.21 2.41 19.45
C LEU B 88 10.73 3.00 18.16
N VAL B 89 11.06 2.14 17.21
CA VAL B 89 11.52 2.56 15.89
C VAL B 89 10.71 1.81 14.84
N SER B 90 10.33 2.51 13.78
CA SER B 90 9.59 1.93 12.67
C SER B 90 10.26 2.27 11.36
N ALA B 91 10.47 1.25 10.53
CA ALA B 91 11.11 1.38 9.23
C ALA B 91 10.08 1.14 8.14
N SER B 92 9.94 2.11 7.23
CA SER B 92 8.96 2.02 6.15
C SER B 92 9.63 2.34 4.82
N GLN B 93 8.92 2.00 3.72
CA GLN B 93 9.47 2.19 2.35
C GLN B 93 9.48 3.65 1.90
N ASP B 94 9.07 4.59 2.76
CA ASP B 94 9.18 6.03 2.38
C ASP B 94 10.58 6.50 2.76
N GLY B 95 11.56 5.59 2.81
CA GLY B 95 12.93 5.93 3.22
C GLY B 95 12.92 6.54 4.60
N LYS B 96 12.05 6.03 5.49
CA LYS B 96 11.96 6.67 6.80
C LYS B 96 12.13 5.66 7.91
N LEU B 97 12.97 6.04 8.87
CA LEU B 97 13.21 5.33 10.12
C LEU B 97 12.75 6.23 11.26
N ILE B 98 11.47 6.14 11.60
CA ILE B 98 10.90 7.08 12.57
C ILE B 98 11.01 6.51 13.97
N ILE B 99 11.56 7.30 14.88
CA ILE B 99 11.55 6.98 16.31
C ILE B 99 10.28 7.55 16.92
N TRP B 100 9.51 6.68 17.55
CA TRP B 100 8.18 7.01 18.08
C TRP B 100 8.23 7.01 19.59
N ASP B 101 7.65 8.05 20.19
CA ASP B 101 7.38 8.07 21.63
C ASP B 101 5.94 7.60 21.81
N SER B 102 5.78 6.29 21.99
CA SER B 102 4.45 5.67 22.02
C SER B 102 3.58 6.21 23.15
N TYR B 103 4.18 6.72 24.22
CA TYR B 103 3.38 7.29 25.30
C TYR B 103 2.65 8.53 24.85
N THR B 104 3.29 9.37 24.03
CA THR B 104 2.70 10.63 23.57
C THR B 104 2.54 10.71 22.06
N THR B 105 2.84 9.63 21.34
CA THR B 105 2.71 9.56 19.88
C THR B 105 3.61 10.60 19.18
N ASN B 106 4.62 11.10 19.89
CA ASN B 106 5.49 12.15 19.38
C ASN B 106 6.67 11.54 18.64
N LYS B 107 6.87 11.95 17.40
CA LYS B 107 8.00 11.49 16.60
C LYS B 107 9.28 12.12 17.15
N VAL B 108 10.08 11.32 17.85
CA VAL B 108 11.34 11.83 18.39
C VAL B 108 12.34 12.09 17.26
N HIS B 109 12.43 11.16 16.31
CA HIS B 109 13.32 11.30 15.17
C HIS B 109 12.64 10.79 13.92
N ALA B 110 13.10 11.27 12.77
CA ALA B 110 12.71 10.77 11.45
C ALA B 110 13.96 10.72 10.59
N ILE B 111 14.62 9.57 10.61
CA ILE B 111 15.92 9.40 9.95
C ILE B 111 15.70 9.14 8.46
N PRO B 112 16.25 9.97 7.57
CA PRO B 112 16.13 9.69 6.14
C PRO B 112 17.13 8.61 5.70
N LEU B 113 16.59 7.54 5.13
CA LEU B 113 17.40 6.41 4.72
C LEU B 113 17.98 6.66 3.33
N ARG B 114 19.26 6.30 3.15
CA ARG B 114 19.88 6.42 1.84
C ARG B 114 19.23 5.50 0.82
N SER B 115 18.63 4.40 1.28
CA SER B 115 17.87 3.49 0.44
C SER B 115 16.48 3.33 1.04
N SER B 116 15.45 3.62 0.24
CA SER B 116 14.09 3.54 0.74
C SER B 116 13.60 2.11 0.87
N TRP B 117 14.37 1.14 0.38
CA TRP B 117 13.98 -0.27 0.42
C TRP B 117 14.50 -0.88 1.71
N VAL B 118 13.71 -0.76 2.77
CA VAL B 118 14.09 -1.21 4.09
C VAL B 118 13.09 -2.28 4.54
N MET B 119 13.62 -3.41 5.03
CA MET B 119 12.82 -4.52 5.51
C MET B 119 12.95 -4.76 7.00
N THR B 120 14.03 -4.27 7.63
CA THR B 120 14.28 -4.55 9.02
C THR B 120 14.75 -3.28 9.72
N CYS B 121 14.54 -3.25 11.03
CA CYS B 121 15.08 -2.21 11.88
C CYS B 121 15.24 -2.76 13.28
N ALA B 122 16.28 -2.31 13.96
CA ALA B 122 16.57 -2.74 15.32
C ALA B 122 16.93 -1.53 16.15
N TYR B 123 16.43 -1.49 17.38
CA TYR B 123 16.73 -0.41 18.30
C TYR B 123 17.69 -0.98 19.35
N ALA B 124 18.82 -0.30 19.56
CA ALA B 124 19.85 -0.84 20.42
C ALA B 124 19.33 -0.97 21.86
N PRO B 125 19.80 -1.99 22.60
CA PRO B 125 19.36 -2.13 24.00
C PRO B 125 19.70 -0.91 24.84
N SER B 126 20.84 -0.27 24.58
CA SER B 126 21.19 0.95 25.28
C SER B 126 20.38 2.15 24.80
N GLY B 127 19.79 2.08 23.62
CA GLY B 127 19.05 3.18 23.05
C GLY B 127 19.87 4.22 22.34
N ASN B 128 21.21 4.07 22.32
CA ASN B 128 22.05 5.06 21.68
C ASN B 128 22.05 4.93 20.16
N TYR B 129 21.85 3.73 19.64
CA TYR B 129 21.90 3.50 18.21
C TYR B 129 20.62 2.83 17.73
N VAL B 130 20.40 2.89 16.43
CA VAL B 130 19.28 2.22 15.78
C VAL B 130 19.78 1.64 14.46
N ALA B 131 19.24 0.50 14.05
CA ALA B 131 19.71 -0.15 12.84
C ALA B 131 18.59 -0.20 11.80
N CYS B 132 19.01 -0.36 10.54
CA CYS B 132 18.08 -0.61 9.45
C CYS B 132 18.81 -1.33 8.33
N GLY B 133 18.04 -1.87 7.41
CA GLY B 133 18.61 -2.54 6.25
C GLY B 133 17.50 -3.11 5.41
N GLY B 134 17.86 -3.52 4.21
CA GLY B 134 16.85 -4.03 3.29
C GLY B 134 17.37 -4.52 1.97
N LEU B 135 16.70 -4.13 0.88
CA LEU B 135 17.12 -4.55 -0.45
C LEU B 135 18.54 -4.09 -0.77
N ASP B 136 18.93 -2.94 -0.24
CA ASP B 136 20.35 -2.63 -0.18
C ASP B 136 21.01 -3.56 0.83
N ASN B 137 22.03 -4.28 0.39
CA ASN B 137 22.60 -5.32 1.25
C ASN B 137 23.53 -4.71 2.29
N ILE B 138 23.05 -3.69 3.00
CA ILE B 138 23.83 -2.91 3.94
C ILE B 138 23.04 -2.81 5.23
N CYS B 139 23.75 -2.90 6.36
CA CYS B 139 23.16 -2.64 7.68
C CYS B 139 23.62 -1.25 8.12
N SER B 140 22.68 -0.31 8.16
CA SER B 140 22.99 1.07 8.53
C SER B 140 22.72 1.25 10.02
N ILE B 141 23.74 1.68 10.75
CA ILE B 141 23.68 1.97 12.18
C ILE B 141 23.72 3.48 12.35
N TYR B 142 22.67 4.03 12.94
CA TYR B 142 22.52 5.46 13.16
C TYR B 142 22.69 5.76 14.64
N ASN B 143 23.53 6.75 14.95
CA ASN B 143 23.78 7.16 16.32
C ASN B 143 22.71 8.18 16.73
N LEU B 144 21.72 7.72 17.49
CA LEU B 144 20.62 8.60 17.89
C LEU B 144 21.11 9.68 18.86
N LYS B 145 21.94 9.31 19.83
CA LYS B 145 22.41 10.22 20.85
C LYS B 145 23.80 10.71 20.50
N THR B 146 23.90 11.99 20.17
CA THR B 146 25.17 12.60 19.78
C THR B 146 25.28 13.97 20.43
N ARG B 147 26.38 14.68 20.16
CA ARG B 147 26.64 15.96 20.78
C ARG B 147 25.77 17.08 20.22
N GLU B 148 25.31 16.96 18.98
CA GLU B 148 24.50 18.00 18.34
C GLU B 148 23.02 17.65 18.28
N GLY B 149 22.62 16.48 18.75
CA GLY B 149 21.22 16.10 18.70
C GLY B 149 20.71 15.75 17.33
N ASN B 150 21.59 15.48 16.37
CA ASN B 150 21.20 15.14 15.02
C ASN B 150 21.63 13.70 14.72
N VAL B 151 20.72 12.93 14.15
CA VAL B 151 20.99 11.52 13.86
C VAL B 151 21.81 11.43 12.58
N ARG B 152 22.95 10.76 12.66
CA ARG B 152 23.84 10.57 11.52
C ARG B 152 24.15 9.09 11.37
N VAL B 153 24.58 8.71 10.17
CA VAL B 153 24.90 7.33 9.88
C VAL B 153 26.21 6.98 10.57
N SER B 154 26.13 6.33 11.73
CA SER B 154 27.33 6.00 12.48
C SER B 154 28.16 4.95 11.74
N ARG B 155 27.51 3.99 11.08
CA ARG B 155 28.22 2.92 10.43
C ARG B 155 27.38 2.35 9.30
N GLU B 156 28.03 1.83 8.25
CA GLU B 156 27.37 1.10 7.12
C GLU B 156 28.07 -0.26 6.99
N LEU B 157 27.51 -1.35 7.52
CA LEU B 157 28.09 -2.68 7.51
C LEU B 157 27.75 -3.35 6.19
N ALA B 158 28.78 -3.69 5.42
CA ALA B 158 28.64 -4.28 4.10
C ALA B 158 29.38 -5.61 4.05
N GLY B 159 28.91 -6.50 3.19
CA GLY B 159 29.47 -7.83 3.08
C GLY B 159 28.43 -8.89 2.79
N HIS B 160 27.18 -8.62 3.18
CA HIS B 160 26.08 -9.48 2.80
C HIS B 160 25.83 -9.34 1.29
N THR B 161 25.60 -10.47 0.63
CA THR B 161 25.31 -10.48 -0.80
C THR B 161 23.83 -10.67 -1.08
N GLY B 162 22.97 -10.56 -0.07
CA GLY B 162 21.54 -10.61 -0.26
C GLY B 162 20.86 -9.57 0.61
N TYR B 163 19.56 -9.39 0.35
CA TYR B 163 18.80 -8.38 1.07
C TYR B 163 18.84 -8.65 2.57
N LEU B 164 19.08 -7.61 3.38
CA LEU B 164 19.15 -7.73 4.87
C LEU B 164 17.70 -7.89 5.36
N SER B 165 17.31 -9.10 5.80
CA SER B 165 15.93 -9.37 6.19
C SER B 165 15.69 -9.07 7.67
N CYS B 166 16.70 -9.27 8.51
CA CYS B 166 16.56 -8.98 9.93
C CYS B 166 17.90 -8.57 10.49
N CYS B 167 17.86 -7.80 11.58
CA CYS B 167 19.05 -7.42 12.33
C CYS B 167 18.64 -7.16 13.76
N ARG B 168 19.51 -7.55 14.70
CA ARG B 168 19.26 -7.38 16.12
C ARG B 168 20.55 -7.00 16.80
N PHE B 169 20.55 -5.86 17.50
CA PHE B 169 21.71 -5.42 18.24
C PHE B 169 22.07 -6.43 19.33
N LEU B 170 23.20 -7.13 19.16
CA LEU B 170 23.64 -8.05 20.19
C LEU B 170 23.96 -7.30 21.47
N ASP B 171 24.71 -6.22 21.35
CA ASP B 171 24.96 -5.28 22.45
C ASP B 171 25.19 -3.91 21.82
N ASP B 172 25.80 -3.00 22.57
CA ASP B 172 26.01 -1.65 22.07
C ASP B 172 26.99 -1.60 20.90
N ASN B 173 27.86 -2.60 20.76
CA ASN B 173 28.89 -2.59 19.75
C ASN B 173 28.82 -3.73 18.74
N GLN B 174 28.13 -4.81 19.04
CA GLN B 174 27.99 -5.94 18.14
C GLN B 174 26.55 -6.08 17.70
N ILE B 175 26.34 -6.47 16.44
CA ILE B 175 25.01 -6.60 15.89
C ILE B 175 24.93 -7.89 15.08
N VAL B 176 23.84 -8.65 15.26
CA VAL B 176 23.61 -9.88 14.52
C VAL B 176 22.58 -9.58 13.43
N THR B 177 22.97 -9.85 12.18
CA THR B 177 22.07 -9.57 11.04
C THR B 177 21.92 -10.81 10.16
N SER B 178 20.75 -10.99 9.56
CA SER B 178 20.43 -12.12 8.69
C SER B 178 20.07 -11.59 7.32
N SER B 179 20.53 -12.25 6.24
CA SER B 179 20.36 -11.74 4.85
C SER B 179 19.62 -12.71 3.93
N GLY B 180 19.51 -12.39 2.63
CA GLY B 180 18.82 -13.24 1.62
C GLY B 180 19.80 -14.04 0.79
N ASP B 181 21.08 -14.13 1.19
CA ASP B 181 22.07 -15.02 0.51
C ASP B 181 22.20 -16.28 1.39
N THR B 182 21.21 -16.54 2.28
CA THR B 182 21.14 -17.78 3.12
C THR B 182 22.24 -17.80 4.20
N THR B 183 22.64 -16.63 4.72
CA THR B 183 23.72 -16.53 5.76
C THR B 183 23.49 -15.40 6.77
N CYS B 184 23.66 -15.65 8.08
CA CYS B 184 23.64 -14.64 9.12
C CYS B 184 25.07 -14.17 9.36
N ALA B 185 25.21 -13.06 10.07
CA ALA B 185 26.54 -12.51 10.33
C ALA B 185 26.51 -11.71 11.62
N LEU B 186 27.48 -11.97 12.49
CA LEU B 186 27.73 -11.15 13.66
C LEU B 186 28.82 -10.14 13.31
N TRP B 187 28.46 -8.85 13.36
CA TRP B 187 29.31 -7.74 12.99
C TRP B 187 29.77 -7.00 14.24
N ASP B 188 31.03 -6.57 14.23
CA ASP B 188 31.55 -5.62 15.21
C ASP B 188 31.42 -4.23 14.59
N ILE B 189 30.53 -3.41 15.14
CA ILE B 189 30.21 -2.12 14.53
C ILE B 189 31.42 -1.19 14.54
N GLU B 190 32.19 -1.21 15.63
CA GLU B 190 33.36 -0.36 15.71
C GLU B 190 34.40 -0.73 14.65
N THR B 191 34.67 -2.03 14.51
CA THR B 191 35.62 -2.47 13.49
C THR B 191 35.01 -2.37 12.10
N GLY B 192 33.73 -2.74 11.97
CA GLY B 192 33.00 -2.58 10.72
C GLY B 192 32.93 -3.79 9.83
N GLN B 193 33.61 -4.88 10.17
CA GLN B 193 33.54 -6.11 9.40
C GLN B 193 32.93 -7.24 10.23
N GLN B 194 32.51 -8.29 9.52
CA GLN B 194 31.87 -9.45 10.13
C GLN B 194 32.80 -10.15 11.12
N THR B 195 32.44 -10.11 12.41
CA THR B 195 33.17 -10.90 13.40
C THR B 195 33.03 -12.39 13.11
N THR B 196 31.80 -12.85 12.87
CA THR B 196 31.56 -14.24 12.53
C THR B 196 30.47 -14.31 11.46
N THR B 197 30.44 -15.43 10.74
CA THR B 197 29.43 -15.69 9.74
C THR B 197 28.77 -17.04 10.04
N PHE B 198 27.44 -17.05 10.05
CA PHE B 198 26.66 -18.25 10.34
C PHE B 198 26.08 -18.76 9.02
N THR B 199 26.61 -19.88 8.54
CA THR B 199 26.18 -20.50 7.30
C THR B 199 25.59 -21.87 7.60
N GLY B 200 24.78 -22.36 6.66
CA GLY B 200 24.13 -23.64 6.82
C GLY B 200 22.72 -23.64 6.30
N HIS B 201 22.06 -22.48 6.33
CA HIS B 201 20.73 -22.37 5.75
C HIS B 201 20.81 -22.52 4.23
N THR B 202 19.85 -23.23 3.66
CA THR B 202 19.76 -23.39 2.22
C THR B 202 18.72 -22.47 1.59
N GLY B 203 18.16 -21.54 2.38
CA GLY B 203 17.23 -20.57 1.85
C GLY B 203 17.46 -19.22 2.51
N ASP B 204 16.79 -18.20 1.97
CA ASP B 204 17.00 -16.82 2.48
C ASP B 204 16.55 -16.71 3.93
N VAL B 205 17.47 -16.46 4.85
CA VAL B 205 17.05 -16.23 6.27
C VAL B 205 16.08 -15.05 6.24
N MET B 206 14.90 -15.18 6.84
CA MET B 206 13.88 -14.10 6.78
C MET B 206 13.62 -13.54 8.17
N SER B 207 14.14 -14.18 9.21
CA SER B 207 13.88 -13.75 10.58
C SER B 207 15.06 -14.14 11.47
N LEU B 208 15.12 -13.49 12.63
CA LEU B 208 16.25 -13.66 13.53
C LEU B 208 15.84 -13.16 14.91
N SER B 209 16.00 -14.00 15.93
CA SER B 209 15.64 -13.65 17.28
C SER B 209 16.83 -13.88 18.20
N LEU B 210 17.12 -12.90 19.05
CA LEU B 210 18.20 -12.99 20.02
C LEU B 210 17.71 -13.61 21.31
N ALA B 211 18.54 -14.47 21.89
CA ALA B 211 18.18 -15.08 23.16
C ALA B 211 18.25 -14.06 24.29
N PRO B 212 17.44 -14.24 25.34
CA PRO B 212 17.51 -13.30 26.48
C PRO B 212 18.88 -13.23 27.12
N ASP B 213 19.64 -14.33 27.14
CA ASP B 213 20.96 -14.32 27.75
C ASP B 213 22.05 -13.83 26.80
N THR B 214 21.67 -13.40 25.59
CA THR B 214 22.56 -12.74 24.64
C THR B 214 23.59 -13.72 24.04
N ARG B 215 23.56 -14.97 24.46
CA ARG B 215 24.56 -15.97 24.05
C ARG B 215 24.20 -16.71 22.78
N LEU B 216 22.93 -17.03 22.57
CA LEU B 216 22.48 -17.78 21.41
C LEU B 216 21.52 -16.94 20.58
N PHE B 217 21.19 -17.43 19.38
CA PHE B 217 20.13 -16.80 18.62
C PHE B 217 19.58 -17.79 17.60
N VAL B 218 18.27 -17.73 17.36
CA VAL B 218 17.61 -18.58 16.37
C VAL B 218 17.34 -17.76 15.13
N SER B 219 17.49 -18.40 13.98
CA SER B 219 17.21 -17.77 12.70
C SER B 219 16.30 -18.68 11.88
N GLY B 220 15.21 -18.12 11.37
CA GLY B 220 14.32 -18.85 10.49
C GLY B 220 14.55 -18.42 9.05
N ALA B 221 14.61 -19.40 8.16
CA ALA B 221 14.98 -19.14 6.77
C ALA B 221 13.92 -19.70 5.83
N CYS B 222 14.21 -19.63 4.53
CA CYS B 222 13.27 -20.02 3.50
C CYS B 222 13.26 -21.51 3.21
N ASP B 223 14.15 -22.30 3.83
CA ASP B 223 14.11 -23.74 3.67
C ASP B 223 13.17 -24.42 4.65
N ALA B 224 12.20 -23.67 5.19
CA ALA B 224 11.22 -24.20 6.14
C ALA B 224 11.88 -24.78 7.38
N SER B 225 13.03 -24.22 7.77
CA SER B 225 13.76 -24.70 8.93
C SER B 225 14.26 -23.52 9.74
N ALA B 226 14.31 -23.71 11.06
CA ALA B 226 14.93 -22.77 11.96
C ALA B 226 16.25 -23.36 12.45
N LYS B 227 17.17 -22.48 12.85
CA LYS B 227 18.48 -22.93 13.31
C LYS B 227 18.89 -22.12 14.52
N LEU B 228 19.25 -22.82 15.59
CA LEU B 228 19.83 -22.21 16.77
C LEU B 228 21.35 -22.18 16.64
N TRP B 229 21.91 -20.97 16.67
CA TRP B 229 23.33 -20.72 16.52
C TRP B 229 23.90 -20.17 17.82
N ASP B 230 25.14 -20.51 18.12
CA ASP B 230 25.89 -19.89 19.20
C ASP B 230 26.63 -18.67 18.67
N VAL B 231 26.43 -17.52 19.31
CA VAL B 231 27.07 -16.30 18.84
C VAL B 231 28.58 -16.37 18.96
N ARG B 232 29.09 -16.81 20.12
CA ARG B 232 30.54 -16.79 20.34
C ARG B 232 31.26 -17.83 19.50
N GLU B 233 30.75 -19.06 19.47
CA GLU B 233 31.39 -20.11 18.69
C GLU B 233 31.15 -19.93 17.20
N GLY B 234 29.96 -19.48 16.83
CA GLY B 234 29.65 -19.23 15.43
C GLY B 234 29.23 -20.44 14.64
N MET B 235 28.75 -21.49 15.31
CA MET B 235 28.35 -22.72 14.66
C MET B 235 26.92 -23.08 15.05
N CYS B 236 26.26 -23.81 14.16
CA CYS B 236 24.86 -24.17 14.35
C CYS B 236 24.71 -25.20 15.45
N ARG B 237 24.21 -24.78 16.61
CA ARG B 237 23.89 -25.71 17.69
C ARG B 237 22.82 -26.69 17.28
N GLN B 238 21.72 -26.20 16.69
CA GLN B 238 20.57 -27.07 16.49
C GLN B 238 19.80 -26.66 15.24
N THR B 239 19.05 -27.61 14.69
CA THR B 239 18.20 -27.39 13.52
C THR B 239 16.81 -27.94 13.79
N PHE B 240 15.79 -27.15 13.46
CA PHE B 240 14.40 -27.47 13.73
C PHE B 240 13.64 -27.45 12.41
N THR B 241 13.27 -28.62 11.91
CA THR B 241 12.61 -28.76 10.61
C THR B 241 11.20 -29.29 10.85
N GLY B 242 10.27 -28.37 11.08
CA GLY B 242 8.89 -28.76 11.31
C GLY B 242 7.92 -28.10 10.36
N HIS B 243 8.29 -26.95 9.81
CA HIS B 243 7.39 -26.18 8.96
C HIS B 243 7.33 -26.78 7.55
N GLU B 244 6.19 -26.53 6.90
CA GLU B 244 5.98 -26.97 5.52
C GLU B 244 6.32 -25.88 4.50
N SER B 245 6.41 -24.63 4.92
CA SER B 245 6.76 -23.53 4.05
C SER B 245 7.81 -22.67 4.74
N ASP B 246 8.30 -21.68 3.98
CA ASP B 246 9.37 -20.77 4.44
C ASP B 246 8.97 -20.08 5.75
N ILE B 247 9.90 -19.80 6.66
CA ILE B 247 9.66 -19.16 7.95
C ILE B 247 9.93 -17.67 7.83
N ASN B 248 8.91 -16.86 8.12
CA ASN B 248 9.05 -15.41 8.05
C ASN B 248 9.31 -14.76 9.40
N ALA B 249 8.97 -15.42 10.49
CA ALA B 249 9.07 -14.83 11.82
C ALA B 249 9.67 -15.84 12.79
N ILE B 250 10.35 -15.32 13.82
CA ILE B 250 10.93 -16.15 14.86
C ILE B 250 11.06 -15.29 16.11
N CYS B 251 10.90 -15.92 17.27
CA CYS B 251 10.95 -15.20 18.54
C CYS B 251 11.20 -16.20 19.67
N PHE B 252 12.22 -15.95 20.48
CA PHE B 252 12.46 -16.76 21.67
C PHE B 252 11.32 -16.63 22.67
N PHE B 253 11.00 -17.75 23.31
CA PHE B 253 10.21 -17.71 24.52
C PHE B 253 10.97 -16.93 25.59
N PRO B 254 10.29 -16.18 26.46
CA PRO B 254 11.02 -15.34 27.43
C PRO B 254 11.98 -16.13 28.32
N ASN B 255 11.72 -17.43 28.53
CA ASN B 255 12.65 -18.25 29.29
C ASN B 255 13.98 -18.41 28.57
N GLY B 256 13.96 -18.33 27.24
CA GLY B 256 15.15 -18.55 26.43
C GLY B 256 15.39 -20.00 26.03
N ASN B 257 14.56 -20.93 26.51
CA ASN B 257 14.71 -22.34 26.20
C ASN B 257 13.70 -22.82 25.16
N ALA B 258 12.99 -21.90 24.52
CA ALA B 258 12.01 -22.25 23.49
C ALA B 258 11.83 -21.05 22.57
N PHE B 259 11.22 -21.31 21.42
CA PHE B 259 10.96 -20.22 20.49
C PHE B 259 9.75 -20.57 19.61
N ALA B 260 9.22 -19.55 18.94
CA ALA B 260 8.08 -19.71 18.06
C ALA B 260 8.43 -19.16 16.69
N THR B 261 7.98 -19.88 15.65
CA THR B 261 8.25 -19.53 14.27
C THR B 261 6.93 -19.43 13.51
N GLY B 262 6.71 -18.31 12.83
CA GLY B 262 5.56 -18.18 11.95
C GLY B 262 5.99 -18.37 10.51
N SER B 263 5.15 -19.06 9.74
CA SER B 263 5.52 -19.37 8.36
C SER B 263 4.37 -19.01 7.41
N ASP B 264 4.65 -19.13 6.11
CA ASP B 264 3.59 -19.02 5.10
C ASP B 264 2.76 -20.29 4.99
N ASP B 265 3.07 -21.33 5.77
CA ASP B 265 2.22 -22.49 5.90
C ASP B 265 0.95 -22.16 6.69
N ALA B 266 0.74 -20.87 6.99
CA ALA B 266 -0.41 -20.40 7.77
C ALA B 266 -0.39 -20.98 9.18
N THR B 267 0.80 -21.14 9.74
CA THR B 267 0.93 -21.73 11.06
C THR B 267 2.12 -21.13 11.79
N CYS B 268 2.01 -21.10 13.11
CA CYS B 268 3.13 -20.88 14.00
C CYS B 268 3.47 -22.20 14.68
N ARG B 269 4.74 -22.34 15.06
CA ARG B 269 5.20 -23.57 15.69
C ARG B 269 6.11 -23.20 16.85
N LEU B 270 5.84 -23.77 18.01
CA LEU B 270 6.67 -23.59 19.19
C LEU B 270 7.59 -24.79 19.32
N PHE B 271 8.88 -24.54 19.17
CA PHE B 271 9.95 -25.51 19.34
C PHE B 271 10.64 -25.28 20.68
N ASP B 272 11.25 -26.36 21.20
CA ASP B 272 11.98 -26.31 22.46
C ASP B 272 13.46 -26.56 22.20
N LEU B 273 14.31 -25.73 22.81
CA LEU B 273 15.75 -25.91 22.66
C LEU B 273 16.22 -27.18 23.35
N ARG B 274 15.77 -27.41 24.58
CA ARG B 274 16.26 -28.55 25.35
C ARG B 274 15.74 -29.87 24.79
N ALA B 275 14.47 -29.91 24.38
CA ALA B 275 13.92 -31.12 23.78
C ALA B 275 14.30 -31.28 22.32
N ASP B 276 14.79 -30.21 21.68
CA ASP B 276 15.25 -30.25 20.29
C ASP B 276 14.16 -30.74 19.34
N GLN B 277 12.92 -30.35 19.60
CA GLN B 277 11.81 -30.77 18.76
C GLN B 277 10.65 -29.80 18.94
N GLU B 278 9.70 -29.88 18.02
CA GLU B 278 8.53 -29.02 18.06
C GLU B 278 7.63 -29.40 19.24
N LEU B 279 7.23 -28.40 20.01
CA LEU B 279 6.30 -28.62 21.12
C LEU B 279 4.85 -28.45 20.69
N MET B 280 4.54 -27.33 20.04
CA MET B 280 3.15 -26.99 19.78
C MET B 280 2.99 -26.44 18.37
N THR B 281 1.79 -26.59 17.80
CA THR B 281 1.44 -26.04 16.50
C THR B 281 0.21 -25.16 16.66
N TYR B 282 0.37 -23.87 16.41
CA TYR B 282 -0.71 -22.88 16.48
C TYR B 282 -1.21 -22.65 15.06
N SER B 283 -2.35 -23.24 14.73
CA SER B 283 -2.94 -23.11 13.40
C SER B 283 -4.43 -23.37 13.49
N HIS B 284 -5.20 -22.65 12.68
CA HIS B 284 -6.64 -22.79 12.61
C HIS B 284 -7.07 -22.89 11.16
N ASP B 285 -8.18 -23.59 10.93
CA ASP B 285 -8.67 -23.79 9.57
C ASP B 285 -9.14 -22.49 8.92
N ASN B 286 -9.45 -21.47 9.71
CA ASN B 286 -9.89 -20.19 9.18
C ASN B 286 -8.73 -19.30 8.76
N ILE B 287 -7.50 -19.69 9.04
CA ILE B 287 -6.31 -18.96 8.60
C ILE B 287 -5.64 -19.75 7.48
N ILE B 288 -5.50 -19.11 6.32
CA ILE B 288 -4.75 -19.69 5.21
C ILE B 288 -3.58 -18.82 4.78
N CYS B 289 -3.49 -17.61 5.35
CA CYS B 289 -2.47 -16.59 5.04
C CYS B 289 -1.22 -16.87 5.87
N GLY B 290 -0.04 -16.41 5.41
CA GLY B 290 1.18 -16.59 6.17
C GLY B 290 1.33 -15.61 7.31
N ILE B 291 2.27 -15.92 8.20
CA ILE B 291 2.59 -15.08 9.35
C ILE B 291 3.82 -14.25 9.01
N THR B 292 3.71 -12.94 9.21
CA THR B 292 4.83 -12.04 8.99
C THR B 292 5.65 -11.80 10.23
N SER B 293 5.06 -11.92 11.41
CA SER B 293 5.72 -11.56 12.66
C SER B 293 5.10 -12.33 13.81
N VAL B 294 5.94 -12.78 14.74
CA VAL B 294 5.49 -13.43 15.96
C VAL B 294 6.20 -12.77 17.13
N SER B 295 5.55 -12.83 18.30
CA SER B 295 6.15 -12.33 19.53
C SER B 295 5.43 -12.95 20.71
N PHE B 296 6.10 -12.90 21.85
CA PHE B 296 5.58 -13.46 23.10
C PHE B 296 5.31 -12.33 24.09
N SER B 297 4.37 -12.57 24.99
CA SER B 297 4.16 -11.65 26.09
C SER B 297 5.27 -11.82 27.12
N LYS B 298 5.24 -11.00 28.17
CA LYS B 298 6.33 -10.99 29.13
C LYS B 298 6.44 -12.32 29.86
N SER B 299 5.30 -12.95 30.15
CA SER B 299 5.29 -14.28 30.76
C SER B 299 5.45 -15.40 29.73
N GLY B 300 5.30 -15.09 28.44
CA GLY B 300 5.35 -16.10 27.41
C GLY B 300 4.05 -16.86 27.20
N ARG B 301 3.00 -16.53 27.96
CA ARG B 301 1.74 -17.24 27.83
C ARG B 301 0.99 -16.89 26.55
N LEU B 302 1.12 -15.66 26.06
CA LEU B 302 0.44 -15.22 24.86
C LEU B 302 1.43 -15.13 23.72
N LEU B 303 1.13 -15.81 22.61
CA LEU B 303 1.91 -15.73 21.40
C LEU B 303 1.15 -14.86 20.40
N LEU B 304 1.66 -13.66 20.15
CA LEU B 304 1.01 -12.72 19.25
C LEU B 304 1.65 -12.83 17.87
N ALA B 305 0.84 -13.15 16.86
CA ALA B 305 1.32 -13.36 15.50
C ALA B 305 0.57 -12.47 14.54
N GLY B 306 1.30 -11.71 13.73
CA GLY B 306 0.70 -10.91 12.67
C GLY B 306 0.60 -11.71 11.39
N TYR B 307 -0.53 -11.57 10.71
CA TYR B 307 -0.85 -12.39 9.56
C TYR B 307 -1.00 -11.53 8.31
N ASP B 308 -1.12 -12.19 7.16
CA ASP B 308 -1.41 -11.50 5.90
C ASP B 308 -2.88 -11.18 5.73
N ASP B 309 -3.77 -11.73 6.57
CA ASP B 309 -5.20 -11.49 6.47
C ASP B 309 -5.62 -10.20 7.14
N PHE B 310 -4.69 -9.26 7.28
CA PHE B 310 -4.88 -7.90 7.78
C PHE B 310 -5.00 -7.89 9.30
N ASN B 311 -4.93 -9.04 9.96
CA ASN B 311 -5.23 -9.15 11.38
C ASN B 311 -4.07 -9.79 12.13
N CYS B 312 -4.05 -9.55 13.44
CA CYS B 312 -3.14 -10.21 14.36
C CYS B 312 -3.93 -11.14 15.26
N ASN B 313 -3.38 -12.32 15.53
CA ASN B 313 -4.00 -13.31 16.38
C ASN B 313 -3.17 -13.53 17.63
N VAL B 314 -3.81 -13.49 18.79
CA VAL B 314 -3.18 -13.80 20.06
C VAL B 314 -3.59 -15.21 20.45
N TRP B 315 -2.61 -16.11 20.50
CA TRP B 315 -2.80 -17.50 20.84
C TRP B 315 -2.36 -17.75 22.28
N ASP B 316 -2.95 -18.80 22.86
CA ASP B 316 -2.50 -19.25 24.20
C ASP B 316 -1.31 -20.16 23.92
N ALA B 317 -0.12 -19.76 24.31
CA ALA B 317 1.10 -20.49 23.96
C ALA B 317 1.07 -21.92 24.52
N LEU B 318 0.46 -22.12 25.68
CA LEU B 318 0.38 -23.44 26.29
C LEU B 318 -0.83 -24.23 25.83
N LYS B 319 -1.77 -23.62 25.12
CA LYS B 319 -3.03 -24.27 24.76
C LYS B 319 -3.30 -24.32 23.27
N ALA B 320 -2.61 -23.53 22.45
CA ALA B 320 -2.84 -23.46 21.00
C ALA B 320 -4.28 -23.07 20.68
N ASP B 321 -4.86 -22.19 21.49
CA ASP B 321 -6.21 -21.69 21.29
C ASP B 321 -6.16 -20.19 21.05
N ARG B 322 -6.92 -19.72 20.06
CA ARG B 322 -6.93 -18.30 19.75
C ARG B 322 -7.55 -17.50 20.89
N ALA B 323 -6.71 -16.84 21.68
CA ALA B 323 -7.20 -16.05 22.80
C ALA B 323 -7.71 -14.68 22.39
N GLY B 324 -7.40 -14.22 21.18
CA GLY B 324 -7.92 -12.94 20.74
C GLY B 324 -7.50 -12.63 19.32
N VAL B 325 -8.10 -11.57 18.79
CA VAL B 325 -7.77 -11.07 17.45
C VAL B 325 -7.55 -9.58 17.54
N LEU B 326 -6.38 -9.06 17.12
CA LEU B 326 -6.06 -7.59 17.13
C LEU B 326 -6.40 -7.03 15.73
N ALA B 327 -7.67 -7.06 15.33
CA ALA B 327 -8.12 -6.45 14.08
C ALA B 327 -8.05 -4.92 14.18
N GLY B 328 -7.84 -4.28 13.04
CA GLY B 328 -7.72 -2.83 13.03
C GLY B 328 -6.74 -2.27 12.02
N HIS B 329 -5.99 -3.14 11.33
CA HIS B 329 -5.04 -2.70 10.33
C HIS B 329 -5.64 -2.87 8.94
N ASP B 330 -5.54 -1.82 8.12
CA ASP B 330 -6.15 -1.84 6.79
C ASP B 330 -5.39 -2.75 5.84
N ASN B 331 -4.08 -2.88 6.00
CA ASN B 331 -3.25 -3.72 5.14
C ASN B 331 -2.57 -4.80 5.97
N ARG B 332 -1.69 -5.55 5.32
CA ARG B 332 -1.00 -6.66 5.96
C ARG B 332 -0.19 -6.19 7.17
N VAL B 333 -0.30 -6.94 8.27
CA VAL B 333 0.48 -6.66 9.47
C VAL B 333 1.88 -7.24 9.24
N SER B 334 2.86 -6.36 8.99
CA SER B 334 4.21 -6.86 8.61
C SER B 334 5.10 -7.06 9.84
N CYS B 335 4.93 -6.23 10.87
CA CYS B 335 5.81 -6.28 12.03
C CYS B 335 4.99 -6.22 13.30
N LEU B 336 5.55 -6.78 14.36
CA LEU B 336 4.85 -6.90 15.64
C LEU B 336 5.88 -7.03 16.75
N GLY B 337 5.59 -6.41 17.90
CA GLY B 337 6.52 -6.46 18.99
C GLY B 337 5.93 -6.13 20.35
N VAL B 338 6.33 -6.86 21.38
CA VAL B 338 5.86 -6.65 22.74
C VAL B 338 6.96 -5.97 23.53
N THR B 339 6.58 -4.92 24.27
CA THR B 339 7.54 -4.16 25.10
C THR B 339 8.30 -5.13 26.01
N ASP B 340 9.41 -4.69 26.59
CA ASP B 340 10.19 -5.49 27.53
C ASP B 340 9.45 -5.71 28.83
N ASP B 341 8.63 -4.75 29.26
CA ASP B 341 7.78 -4.94 30.42
C ASP B 341 6.42 -5.54 30.06
N GLY B 342 6.16 -5.78 28.78
CA GLY B 342 4.93 -6.41 28.36
C GLY B 342 3.69 -5.57 28.54
N MET B 343 3.83 -4.26 28.74
CA MET B 343 2.64 -3.43 28.97
C MET B 343 1.77 -3.38 27.73
N ALA B 344 2.37 -3.27 26.55
CA ALA B 344 1.62 -3.12 25.32
C ALA B 344 2.32 -3.86 24.19
N VAL B 345 1.56 -4.15 23.14
CA VAL B 345 2.08 -4.75 21.92
C VAL B 345 1.83 -3.78 20.78
N ALA B 346 2.85 -3.53 19.98
CA ALA B 346 2.74 -2.65 18.82
C ALA B 346 2.75 -3.48 17.54
N THR B 347 1.78 -3.22 16.67
CA THR B 347 1.70 -3.87 15.37
C THR B 347 1.84 -2.81 14.30
N GLY B 348 2.82 -2.99 13.42
CA GLY B 348 2.90 -2.19 12.22
C GLY B 348 2.21 -2.89 11.06
N SER B 349 1.98 -2.14 10.00
CA SER B 349 1.24 -2.69 8.88
C SER B 349 1.64 -1.99 7.59
N TRP B 350 1.27 -2.62 6.48
CA TRP B 350 1.51 -2.06 5.15
C TRP B 350 0.62 -0.86 4.87
N ASP B 351 -0.34 -0.57 5.74
CA ASP B 351 -1.23 0.57 5.59
C ASP B 351 -0.64 1.87 6.15
N SER B 352 0.65 1.86 6.51
CA SER B 352 1.43 3.01 6.94
C SER B 352 1.06 3.51 8.34
N PHE B 353 0.55 2.65 9.21
CA PHE B 353 0.24 3.03 10.58
C PHE B 353 0.82 2.00 11.54
N LEU B 354 1.19 2.45 12.74
CA LEU B 354 1.48 1.55 13.83
C LEU B 354 0.34 1.65 14.84
N LYS B 355 0.10 0.58 15.58
CA LYS B 355 -0.94 0.56 16.60
C LYS B 355 -0.38 -0.02 17.89
N ILE B 356 -0.43 0.77 18.95
CA ILE B 356 -0.11 0.31 20.30
C ILE B 356 -1.39 -0.15 20.96
N TRP B 357 -1.39 -1.39 21.44
CA TRP B 357 -2.62 -2.09 21.81
C TRP B 357 -2.82 -2.19 23.31
N ASN B 358 -1.86 -2.71 24.07
CA ASN B 358 -2.00 -2.84 25.52
C ASN B 358 -3.23 -3.64 25.91
N SER C 8 30.77 -31.38 -5.61
CA SER C 8 29.95 -31.07 -4.45
C SER C 8 30.18 -32.09 -3.33
N ILE C 9 31.40 -32.65 -3.30
CA ILE C 9 31.74 -33.61 -2.27
C ILE C 9 32.34 -32.93 -1.04
N ALA C 10 32.98 -31.77 -1.21
CA ALA C 10 33.56 -31.06 -0.08
C ALA C 10 32.47 -30.63 0.90
N GLN C 11 31.34 -30.16 0.39
CA GLN C 11 30.25 -29.75 1.27
C GLN C 11 29.56 -30.93 1.94
N ALA C 12 29.68 -32.14 1.37
CA ALA C 12 29.09 -33.31 1.99
C ALA C 12 29.75 -33.62 3.33
N ARG C 13 31.08 -33.48 3.41
CA ARG C 13 31.76 -33.69 4.68
C ARG C 13 31.30 -32.70 5.74
N LYS C 14 31.16 -31.42 5.36
CA LYS C 14 30.68 -30.41 6.29
C LYS C 14 29.26 -30.72 6.75
N LEU C 15 28.40 -31.13 5.81
CA LEU C 15 27.02 -31.44 6.16
C LEU C 15 26.93 -32.64 7.11
N VAL C 16 27.70 -33.69 6.84
CA VAL C 16 27.64 -34.87 7.72
C VAL C 16 28.25 -34.55 9.09
N GLU C 17 29.29 -33.72 9.12
CA GLU C 17 29.85 -33.30 10.41
C GLU C 17 28.84 -32.49 11.20
N GLN C 18 28.12 -31.58 10.53
CA GLN C 18 27.09 -30.80 11.21
C GLN C 18 25.97 -31.70 11.72
N LEU C 19 25.57 -32.69 10.93
CA LEU C 19 24.50 -33.59 11.34
C LEU C 19 24.91 -34.42 12.55
N LYS C 20 26.14 -34.94 12.56
CA LYS C 20 26.58 -35.73 13.71
C LYS C 20 26.78 -34.84 14.94
N MET C 21 27.22 -33.59 14.74
CA MET C 21 27.33 -32.66 15.86
C MET C 21 25.95 -32.37 16.45
N GLU C 22 24.95 -32.19 15.60
CA GLU C 22 23.58 -31.97 16.09
C GLU C 22 23.04 -33.20 16.79
N ALA C 23 23.34 -34.39 16.29
CA ALA C 23 22.86 -35.62 16.89
C ALA C 23 23.58 -35.96 18.19
N ASN C 24 24.76 -35.39 18.43
CA ASN C 24 25.54 -35.70 19.63
C ASN C 24 25.15 -34.84 20.83
N ILE C 25 24.15 -33.97 20.69
CA ILE C 25 23.77 -33.11 21.81
C ILE C 25 22.91 -33.89 22.81
N ASP C 26 22.77 -33.33 23.99
CA ASP C 26 21.95 -33.95 25.03
C ASP C 26 20.52 -33.44 24.95
N ARG C 27 19.55 -34.36 24.95
CA ARG C 27 18.11 -34.02 24.80
C ARG C 27 17.33 -34.49 26.03
N ILE C 28 16.41 -33.66 26.54
CA ILE C 28 15.55 -33.97 27.67
C ILE C 28 14.19 -34.40 27.14
N LYS C 29 13.42 -35.05 28.01
CA LYS C 29 12.09 -35.49 27.64
C LYS C 29 11.18 -34.30 27.36
N VAL C 30 10.25 -34.48 26.43
CA VAL C 30 9.32 -33.41 26.10
C VAL C 30 8.43 -33.07 27.29
N SER C 31 8.20 -34.04 28.18
CA SER C 31 7.42 -33.76 29.38
C SER C 31 8.13 -32.77 30.29
N LYS C 32 9.44 -32.93 30.45
CA LYS C 32 10.21 -32.00 31.29
C LYS C 32 10.23 -30.60 30.67
N ALA C 33 10.39 -30.51 29.35
CA ALA C 33 10.37 -29.22 28.69
C ALA C 33 9.01 -28.55 28.83
N ALA C 34 7.94 -29.32 28.66
CA ALA C 34 6.59 -28.77 28.83
C ALA C 34 6.37 -28.31 30.26
N ALA C 35 6.86 -29.08 31.24
CA ALA C 35 6.72 -28.69 32.63
C ALA C 35 7.46 -27.40 32.94
N ASP C 36 8.69 -27.27 32.42
CA ASP C 36 9.44 -26.04 32.61
C ASP C 36 8.76 -24.85 31.94
N LEU C 37 8.22 -25.07 30.75
CA LEU C 37 7.49 -24.00 30.06
C LEU C 37 6.27 -23.57 30.85
N MET C 38 5.51 -24.53 31.37
CA MET C 38 4.36 -24.22 32.21
C MET C 38 4.77 -23.48 33.47
N ALA C 39 5.87 -23.91 34.09
CA ALA C 39 6.34 -23.25 35.31
C ALA C 39 6.72 -21.80 35.04
N TYR C 40 7.42 -21.55 33.94
CA TYR C 40 7.75 -20.17 33.60
C TYR C 40 6.50 -19.35 33.31
N CYS C 41 5.52 -19.94 32.60
CA CYS C 41 4.31 -19.20 32.29
C CYS C 41 3.53 -18.84 33.55
N GLU C 42 3.39 -19.80 34.49
CA GLU C 42 2.59 -19.55 35.68
C GLU C 42 3.33 -18.69 36.70
N ALA C 43 4.66 -18.77 36.74
CA ALA C 43 5.42 -17.97 37.71
C ALA C 43 5.39 -16.50 37.35
N HIS C 44 5.36 -16.19 36.06
CA HIS C 44 5.38 -14.81 35.58
C HIS C 44 4.02 -14.33 35.10
N ALA C 45 2.96 -15.12 35.32
CA ALA C 45 1.64 -14.71 34.88
C ALA C 45 1.14 -13.47 35.61
N LYS C 46 1.57 -13.27 36.87
CA LYS C 46 1.17 -12.09 37.61
C LYS C 46 1.81 -10.83 37.06
N GLU C 47 3.00 -10.95 36.46
CA GLU C 47 3.72 -9.82 35.92
C GLU C 47 3.56 -9.69 34.40
N ASP C 48 2.45 -10.18 33.85
CA ASP C 48 2.20 -10.09 32.41
C ASP C 48 1.02 -9.17 32.18
N PRO C 49 1.24 -7.91 31.81
CA PRO C 49 0.13 -6.98 31.61
C PRO C 49 -0.83 -7.39 30.51
N LEU C 50 -0.35 -8.06 29.47
CA LEU C 50 -1.24 -8.50 28.40
C LEU C 50 -2.12 -9.65 28.86
N LEU C 51 -1.56 -10.56 29.68
CA LEU C 51 -2.35 -11.67 30.20
C LEU C 51 -3.47 -11.19 31.11
N THR C 52 -3.11 -10.37 32.10
CA THR C 52 -4.09 -9.81 33.05
C THR C 52 -4.21 -8.32 32.79
N PRO C 53 -5.33 -7.85 32.26
CA PRO C 53 -5.46 -6.41 31.95
C PRO C 53 -5.19 -5.55 33.17
N VAL C 54 -4.11 -4.77 33.08
CA VAL C 54 -3.70 -3.92 34.21
C VAL C 54 -4.72 -2.81 34.40
N PRO C 55 -4.97 -2.37 35.64
CA PRO C 55 -5.87 -1.23 35.84
C PRO C 55 -5.35 0.02 35.15
N ALA C 56 -6.27 0.84 34.65
CA ALA C 56 -5.91 2.03 33.89
C ALA C 56 -5.18 3.08 34.73
N SER C 57 -5.19 2.95 36.05
CA SER C 57 -4.49 3.93 36.89
C SER C 57 -2.99 3.90 36.63
N GLU C 58 -2.41 2.72 36.49
CA GLU C 58 -0.98 2.58 36.23
C GLU C 58 -0.68 2.16 34.80
N ASN C 59 -1.69 2.10 33.94
CA ASN C 59 -1.48 1.83 32.53
C ASN C 59 -0.95 3.09 31.85
N PRO C 60 0.25 3.07 31.27
CA PRO C 60 0.82 4.30 30.72
C PRO C 60 0.35 4.64 29.32
N PHE C 61 -0.46 3.78 28.70
CA PHE C 61 -1.00 4.04 27.37
C PHE C 61 -2.46 4.46 27.41
N ARG C 62 -3.07 4.49 28.59
CA ARG C 62 -4.44 4.97 28.74
C ARG C 62 -4.53 6.23 29.60
N GLU C 63 -4.00 6.19 30.82
CA GLU C 63 -4.06 7.32 31.74
C GLU C 63 -2.69 7.53 32.37
N LYS C 64 -2.23 8.77 32.38
CA LYS C 64 -0.95 9.11 32.99
C LYS C 64 -1.02 9.01 34.51
N TYR D 165 -54.21 14.88 1.21
CA TYR D 165 -53.54 15.21 -0.05
C TYR D 165 -52.14 15.76 0.22
N GLN D 166 -52.03 16.68 1.18
CA GLN D 166 -50.74 17.25 1.53
C GLN D 166 -49.87 16.27 2.29
N VAL D 167 -50.46 15.24 2.91
CA VAL D 167 -49.67 14.24 3.62
C VAL D 167 -48.80 13.46 2.65
N ILE D 168 -49.34 13.12 1.47
CA ILE D 168 -48.59 12.32 0.51
C ILE D 168 -47.38 13.09 0.01
N THR D 169 -47.58 14.34 -0.41
CA THR D 169 -46.45 15.14 -0.88
C THR D 169 -45.48 15.45 0.25
N SER D 170 -45.98 15.65 1.47
CA SER D 170 -45.09 15.90 2.60
C SER D 170 -44.18 14.69 2.84
N LEU D 171 -44.74 13.49 2.83
CA LEU D 171 -43.93 12.31 3.08
C LEU D 171 -42.99 12.02 1.92
N LEU D 172 -43.43 12.28 0.68
CA LEU D 172 -42.54 12.10 -0.47
C LEU D 172 -41.35 13.05 -0.42
N LEU D 173 -41.61 14.32 -0.11
CA LEU D 173 -40.53 15.29 0.01
C LEU D 173 -39.61 14.95 1.17
N GLY D 174 -40.19 14.49 2.30
CA GLY D 174 -39.37 14.08 3.42
C GLY D 174 -38.48 12.90 3.09
N THR D 175 -39.02 11.92 2.35
CA THR D 175 -38.22 10.79 1.92
C THR D 175 -37.09 11.22 1.00
N LEU D 176 -37.39 12.13 0.06
CA LEU D 176 -36.36 12.65 -0.84
C LEU D 176 -35.25 13.36 -0.06
N ILE D 177 -35.67 14.21 0.90
CA ILE D 177 -34.72 15.04 1.71
C ILE D 177 -33.90 14.10 2.59
N PHE D 178 -34.47 13.01 3.13
CA PHE D 178 -33.77 12.05 3.98
C PHE D 178 -32.77 11.25 3.16
N CYS D 179 -33.17 10.79 1.97
CA CYS D 179 -32.25 10.05 1.12
C CYS D 179 -31.08 10.93 0.69
N ALA D 180 -31.35 12.19 0.33
CA ALA D 180 -30.28 13.08 -0.09
C ALA D 180 -29.27 13.32 1.03
N VAL D 181 -29.78 13.65 2.22
CA VAL D 181 -28.88 13.96 3.34
C VAL D 181 -28.12 12.70 3.75
N LEU D 182 -28.79 11.55 3.76
CA LEU D 182 -28.11 10.31 4.12
C LEU D 182 -26.99 9.99 3.14
N GLY D 183 -27.26 10.09 1.84
CA GLY D 183 -26.23 9.80 0.86
C GLY D 183 -25.05 10.75 0.95
N ASN D 184 -25.33 12.05 1.03
CA ASN D 184 -24.25 13.02 1.08
C ASN D 184 -23.43 12.89 2.37
N ALA D 185 -24.10 12.69 3.51
CA ALA D 185 -23.38 12.51 4.76
C ALA D 185 -22.55 11.24 4.74
N CYS D 186 -23.08 10.16 4.14
CA CYS D 186 -22.31 8.93 4.04
C CYS D 186 -21.07 9.13 3.19
N VAL D 187 -21.19 9.85 2.08
CA VAL D 187 -20.03 10.11 1.23
C VAL D 187 -18.99 10.93 1.99
N VAL D 188 -19.44 11.97 2.68
CA VAL D 188 -18.51 12.84 3.41
C VAL D 188 -17.81 12.05 4.51
N ALA D 189 -18.56 11.24 5.26
CA ALA D 189 -17.97 10.45 6.33
C ALA D 189 -16.98 9.42 5.78
N ALA D 190 -17.34 8.77 4.66
CA ALA D 190 -16.45 7.79 4.07
C ALA D 190 -15.13 8.43 3.64
N ILE D 191 -15.20 9.62 3.07
CA ILE D 191 -13.96 10.31 2.69
C ILE D 191 -13.18 10.72 3.94
N ALA D 192 -13.89 11.18 4.97
CA ALA D 192 -13.22 11.70 6.16
C ALA D 192 -12.47 10.61 6.91
N LEU D 193 -13.10 9.44 7.10
CA LEU D 193 -12.49 8.42 7.94
C LEU D 193 -11.66 7.39 7.17
N GLU D 194 -11.56 7.52 5.85
CA GLU D 194 -10.75 6.62 5.04
C GLU D 194 -9.58 7.39 4.44
N ARG D 195 -8.36 6.89 4.65
CA ARG D 195 -7.19 7.48 4.01
C ARG D 195 -7.07 7.08 2.55
N SER D 196 -7.74 6.00 2.14
CA SER D 196 -7.74 5.61 0.73
C SER D 196 -8.41 6.67 -0.13
N LEU D 197 -9.53 7.22 0.33
CA LEU D 197 -10.26 8.24 -0.41
C LEU D 197 -9.85 9.65 0.01
N GLN D 198 -8.55 9.95 -0.05
CA GLN D 198 -8.04 11.26 0.36
C GLN D 198 -7.08 11.79 -0.70
N ASN D 199 -7.49 11.71 -1.97
CA ASN D 199 -6.72 12.29 -3.09
C ASN D 199 -7.48 13.57 -3.51
N VAL D 200 -7.01 14.30 -4.52
CA VAL D 200 -7.60 15.55 -5.09
C VAL D 200 -8.97 15.30 -5.73
N ALA D 201 -9.16 14.22 -6.49
CA ALA D 201 -10.45 13.93 -7.09
C ALA D 201 -11.49 13.60 -6.03
N ASN D 202 -11.11 12.79 -5.04
CA ASN D 202 -12.04 12.47 -3.97
C ASN D 202 -12.30 13.66 -3.06
N TYR D 203 -11.32 14.57 -2.91
CA TYR D 203 -11.58 15.81 -2.21
C TYR D 203 -12.64 16.65 -2.90
N LEU D 204 -12.57 16.74 -4.24
CA LEU D 204 -13.59 17.48 -4.98
C LEU D 204 -14.95 16.80 -4.87
N ILE D 205 -14.97 15.47 -4.96
CA ILE D 205 -16.24 14.75 -4.82
C ILE D 205 -16.81 14.95 -3.42
N GLY D 206 -15.94 14.97 -2.41
CA GLY D 206 -16.41 15.20 -1.05
C GLY D 206 -16.92 16.60 -0.82
N SER D 207 -16.28 17.60 -1.45
CA SER D 207 -16.80 18.96 -1.35
C SER D 207 -18.13 19.08 -2.07
N LEU D 208 -18.31 18.37 -3.19
CA LEU D 208 -19.60 18.33 -3.84
C LEU D 208 -20.65 17.70 -2.94
N ALA D 209 -20.27 16.63 -2.24
CA ALA D 209 -21.18 15.99 -1.29
C ALA D 209 -21.51 16.92 -0.13
N VAL D 210 -20.53 17.70 0.32
CA VAL D 210 -20.77 18.67 1.40
C VAL D 210 -21.75 19.74 0.93
N THR D 211 -21.56 20.24 -0.29
CA THR D 211 -22.47 21.24 -0.83
C THR D 211 -23.88 20.68 -0.97
N ASP D 212 -24.01 19.45 -1.47
CA ASP D 212 -25.32 18.84 -1.58
C ASP D 212 -25.93 18.56 -0.21
N LEU D 213 -25.09 18.25 0.78
CA LEU D 213 -25.57 18.12 2.16
C LEU D 213 -26.12 19.44 2.67
N MET D 214 -25.45 20.54 2.37
CA MET D 214 -25.94 21.87 2.75
C MET D 214 -27.26 22.16 2.06
N VAL D 215 -27.36 21.75 0.77
CA VAL D 215 -28.58 21.91 -0.07
C VAL D 215 -29.70 21.05 0.54
N SER D 216 -29.41 19.91 1.17
CA SER D 216 -30.39 18.98 1.70
C SER D 216 -30.82 19.32 3.13
N VAL D 217 -29.96 19.99 3.91
CA VAL D 217 -30.31 20.31 5.29
C VAL D 217 -30.72 21.76 5.48
N LEU D 218 -30.39 22.64 4.54
CA LEU D 218 -30.70 24.09 4.75
C LEU D 218 -31.71 24.55 3.70
N VAL D 219 -31.76 23.89 2.54
CA VAL D 219 -32.66 24.35 1.45
C VAL D 219 -33.81 23.36 1.27
N LEU D 220 -33.56 22.04 1.15
CA LEU D 220 -34.64 21.06 0.83
C LEU D 220 -35.71 20.93 1.94
N PRO D 221 -35.47 21.09 3.27
CA PRO D 221 -36.58 21.07 4.24
C PRO D 221 -37.45 22.33 4.13
N MET D 222 -36.83 23.50 3.91
CA MET D 222 -37.59 24.77 3.77
C MET D 222 -38.34 24.76 2.43
N ALA D 223 -37.70 24.28 1.36
CA ALA D 223 -38.40 24.14 0.09
C ALA D 223 -39.60 23.21 0.21
N ALA D 224 -39.44 22.11 0.95
CA ALA D 224 -40.56 21.21 1.19
C ALA D 224 -41.65 21.89 2.01
N LEU D 225 -41.26 22.66 3.02
CA LEU D 225 -42.23 23.40 3.82
C LEU D 225 -43.02 24.38 2.95
N TYR D 226 -42.32 25.09 2.06
CA TYR D 226 -42.98 26.01 1.14
C TYR D 226 -43.89 25.27 0.17
N GLN D 227 -43.48 24.07 -0.26
CA GLN D 227 -44.27 23.33 -1.24
C GLN D 227 -45.55 22.76 -0.63
N VAL D 228 -45.45 22.16 0.56
CA VAL D 228 -46.64 21.54 1.16
C VAL D 228 -47.63 22.60 1.62
N LEU D 229 -47.13 23.70 2.18
CA LEU D 229 -48.01 24.77 2.65
C LEU D 229 -48.51 25.66 1.53
N ASN D 230 -47.85 25.63 0.37
CA ASN D 230 -48.18 26.50 -0.76
C ASN D 230 -48.12 27.98 -0.37
N LYS D 231 -47.35 28.29 0.66
CA LYS D 231 -47.22 29.65 1.14
C LYS D 231 -45.97 29.73 2.03
N TRP D 232 -45.37 30.92 2.07
CA TRP D 232 -44.15 31.15 2.83
C TRP D 232 -44.50 31.92 4.09
N THR D 233 -44.78 31.19 5.16
CA THR D 233 -45.13 31.80 6.45
C THR D 233 -43.90 31.87 7.36
N LEU D 234 -42.85 32.53 6.87
CA LEU D 234 -41.61 32.68 7.62
C LEU D 234 -41.06 34.09 7.66
N GLY D 235 -41.63 35.03 6.93
CA GLY D 235 -41.17 36.40 6.95
C GLY D 235 -40.40 36.78 5.70
N GLN D 236 -40.30 38.09 5.48
CA GLN D 236 -39.62 38.59 4.28
C GLN D 236 -38.11 38.45 4.39
N VAL D 237 -37.54 38.79 5.56
CA VAL D 237 -36.10 38.70 5.72
C VAL D 237 -35.64 37.24 5.66
N THR D 238 -36.39 36.34 6.29
CA THR D 238 -36.06 34.93 6.21
C THR D 238 -36.20 34.43 4.78
N CYS D 239 -37.21 34.91 4.05
CA CYS D 239 -37.37 34.53 2.66
C CYS D 239 -36.17 34.95 1.83
N ASP D 240 -35.72 36.20 2.00
CA ASP D 240 -34.57 36.67 1.24
C ASP D 240 -33.31 35.90 1.61
N LEU D 241 -33.11 35.65 2.90
CA LEU D 241 -31.94 34.88 3.33
C LEU D 241 -31.95 33.48 2.74
N PHE D 242 -33.12 32.84 2.69
CA PHE D 242 -33.25 31.42 2.23
C PHE D 242 -33.20 31.37 0.70
N ILE D 243 -33.58 32.44 -0.03
CA ILE D 243 -33.34 32.51 -1.47
C ILE D 243 -31.85 32.68 -1.74
N ALA D 244 -31.18 33.54 -0.98
CA ALA D 244 -29.74 33.71 -1.17
C ALA D 244 -29.00 32.41 -0.89
N LEU D 245 -29.36 31.71 0.18
CA LEU D 245 -28.70 30.45 0.53
C LEU D 245 -28.96 29.39 -0.54
N ASP D 246 -30.19 29.32 -1.04
CA ASP D 246 -30.53 28.35 -2.08
C ASP D 246 -29.73 28.60 -3.35
N VAL D 247 -29.66 29.87 -3.78
CA VAL D 247 -28.90 30.21 -4.97
C VAL D 247 -27.43 29.87 -4.77
N LEU D 248 -26.89 30.25 -3.61
CA LEU D 248 -25.48 29.99 -3.32
C LEU D 248 -25.17 28.50 -3.38
N CYS D 249 -25.98 27.69 -2.68
CA CYS D 249 -25.71 26.26 -2.62
C CYS D 249 -25.92 25.55 -3.94
N CYS D 250 -26.97 25.91 -4.70
CA CYS D 250 -27.17 25.25 -5.99
C CYS D 250 -26.10 25.65 -7.00
N THR D 251 -25.71 26.93 -7.04
CA THR D 251 -24.62 27.35 -7.90
C THR D 251 -23.33 26.66 -7.50
N SER D 252 -23.09 26.50 -6.20
CA SER D 252 -21.90 25.79 -5.74
C SER D 252 -21.92 24.33 -6.15
N SER D 253 -23.10 23.69 -6.11
CA SER D 253 -23.19 22.30 -6.56
C SER D 253 -22.87 22.18 -8.05
N ILE D 254 -23.44 23.07 -8.87
CA ILE D 254 -23.20 23.02 -10.31
C ILE D 254 -21.72 23.28 -10.61
N TRP D 255 -21.13 24.26 -9.91
CA TRP D 255 -19.73 24.55 -10.18
C TRP D 255 -18.79 23.52 -9.54
N HIS D 256 -19.25 22.75 -8.55
CA HIS D 256 -18.50 21.57 -8.16
C HIS D 256 -18.51 20.51 -9.25
N LEU D 257 -19.65 20.35 -9.92
CA LEU D 257 -19.66 19.47 -11.10
C LEU D 257 -18.65 19.95 -12.13
N CYS D 258 -18.60 21.26 -12.38
CA CYS D 258 -17.63 21.80 -13.33
C CYS D 258 -16.20 21.63 -12.83
N ALA D 259 -15.96 21.80 -11.53
CA ALA D 259 -14.62 21.63 -10.99
C ALA D 259 -14.16 20.18 -11.10
N ILE D 260 -15.06 19.23 -10.86
CA ILE D 260 -14.73 17.82 -11.06
C ILE D 260 -14.41 17.56 -12.53
N ALA D 261 -15.21 18.12 -13.43
CA ALA D 261 -14.94 17.96 -14.86
C ALA D 261 -13.57 18.54 -15.23
N LEU D 262 -13.23 19.69 -14.67
CA LEU D 262 -11.96 20.34 -14.99
C LEU D 262 -10.78 19.56 -14.43
N ASP D 263 -10.90 19.05 -13.21
CA ASP D 263 -9.86 18.21 -12.64
C ASP D 263 -9.66 16.94 -13.46
N ARG D 264 -10.77 16.33 -13.89
CA ARG D 264 -10.66 15.15 -14.75
C ARG D 264 -10.01 15.51 -16.09
N TYR D 265 -10.36 16.66 -16.65
CA TYR D 265 -9.77 17.09 -17.90
C TYR D 265 -8.26 17.29 -17.76
N TRP D 266 -7.83 17.90 -16.67
CA TRP D 266 -6.40 18.08 -16.46
C TRP D 266 -5.69 16.75 -16.19
N ALA D 267 -6.36 15.80 -15.54
CA ALA D 267 -5.75 14.50 -15.29
C ALA D 267 -5.59 13.72 -16.59
N ILE D 268 -6.61 13.76 -17.47
CA ILE D 268 -6.56 12.96 -18.69
C ILE D 268 -5.60 13.58 -19.70
N THR D 269 -5.69 14.89 -19.90
CA THR D 269 -4.96 15.54 -20.98
C THR D 269 -3.60 16.09 -20.55
N ASP D 270 -3.24 15.98 -19.28
CA ASP D 270 -1.97 16.50 -18.79
C ASP D 270 -1.45 15.60 -17.68
N PRO D 271 -0.90 14.44 -18.05
CA PRO D 271 -0.28 13.57 -17.03
C PRO D 271 0.90 14.21 -16.32
N ILE D 272 1.65 15.08 -17.00
CA ILE D 272 2.78 15.75 -16.36
C ILE D 272 2.29 16.66 -15.24
N ASP D 273 1.22 17.42 -15.49
CA ASP D 273 0.60 18.21 -14.44
C ASP D 273 0.04 17.33 -13.34
N TYR D 274 -0.53 16.18 -13.71
CA TYR D 274 -1.09 15.26 -12.73
C TYR D 274 -0.01 14.78 -11.76
N VAL D 275 1.17 14.46 -12.28
CA VAL D 275 2.23 13.93 -11.44
C VAL D 275 2.93 15.02 -10.66
N ASN D 276 3.29 16.12 -11.34
CA ASN D 276 4.16 17.13 -10.74
C ASN D 276 3.39 18.17 -9.93
N LYS D 277 2.49 18.91 -10.59
CA LYS D 277 1.91 20.11 -10.01
C LYS D 277 0.50 19.92 -9.49
N ARG D 278 0.04 18.68 -9.33
CA ARG D 278 -1.30 18.42 -8.84
C ARG D 278 -1.20 18.03 -7.36
N THR D 279 -1.77 18.87 -6.51
CA THR D 279 -1.74 18.72 -5.06
C THR D 279 -3.13 18.99 -4.51
N PRO D 280 -3.40 18.61 -3.26
CA PRO D 280 -4.69 18.98 -2.64
C PRO D 280 -4.92 20.48 -2.60
N ARG D 281 -3.86 21.29 -2.73
CA ARG D 281 -4.04 22.73 -2.90
C ARG D 281 -4.89 23.04 -4.12
N ARG D 282 -4.75 22.26 -5.20
CA ARG D 282 -5.58 22.46 -6.38
C ARG D 282 -7.05 22.20 -6.07
N ALA D 283 -7.34 21.12 -5.33
CA ALA D 283 -8.72 20.85 -4.94
C ALA D 283 -9.27 21.97 -4.07
N ALA D 284 -8.48 22.45 -3.11
CA ALA D 284 -8.93 23.55 -2.26
C ALA D 284 -9.20 24.80 -3.07
N ALA D 285 -8.32 25.11 -4.03
CA ALA D 285 -8.53 26.28 -4.88
C ALA D 285 -9.78 26.14 -5.73
N LEU D 286 -10.02 24.95 -6.28
CA LEU D 286 -11.22 24.73 -7.09
C LEU D 286 -12.48 24.88 -6.25
N ILE D 287 -12.48 24.33 -5.03
CA ILE D 287 -13.64 24.46 -4.15
C ILE D 287 -13.85 25.92 -3.77
N SER D 288 -12.76 26.64 -3.50
CA SER D 288 -12.87 28.05 -3.15
C SER D 288 -13.44 28.86 -4.30
N LEU D 289 -12.98 28.60 -5.53
CA LEU D 289 -13.53 29.31 -6.68
C LEU D 289 -14.99 28.96 -6.90
N THR D 290 -15.36 27.71 -6.67
CA THR D 290 -16.76 27.30 -6.80
C THR D 290 -17.64 28.07 -5.82
N TRP D 291 -17.25 28.09 -4.55
CA TRP D 291 -18.04 28.81 -3.56
C TRP D 291 -18.00 30.32 -3.80
N LEU D 292 -16.91 30.82 -4.36
CA LEU D 292 -16.83 32.23 -4.71
C LEU D 292 -17.84 32.58 -5.80
N ILE D 293 -17.96 31.72 -6.81
CA ILE D 293 -18.96 31.95 -7.85
C ILE D 293 -20.37 31.85 -7.26
N GLY D 294 -20.58 30.89 -6.36
CA GLY D 294 -21.86 30.80 -5.68
C GLY D 294 -22.22 32.08 -4.96
N PHE D 295 -21.27 32.63 -4.21
CA PHE D 295 -21.50 33.89 -3.51
C PHE D 295 -21.72 35.04 -4.50
N LEU D 296 -20.96 35.08 -5.60
CA LEU D 296 -21.11 36.16 -6.57
C LEU D 296 -22.46 36.11 -7.25
N ILE D 297 -23.08 34.93 -7.33
CA ILE D 297 -24.43 34.85 -7.86
C ILE D 297 -25.48 35.08 -6.77
N SER D 298 -25.15 34.80 -5.50
CA SER D 298 -26.16 34.86 -4.45
C SER D 298 -26.29 36.25 -3.84
N ILE D 299 -25.21 37.00 -3.73
CA ILE D 299 -25.24 38.29 -3.03
C ILE D 299 -25.92 39.42 -3.80
N PRO D 300 -25.89 39.49 -5.14
CA PRO D 300 -26.45 40.68 -5.82
C PRO D 300 -27.89 40.96 -5.46
N PRO D 301 -28.79 39.96 -5.35
CA PRO D 301 -30.18 40.27 -4.99
C PRO D 301 -30.33 40.88 -3.61
N MET D 302 -29.38 40.69 -2.70
CA MET D 302 -29.48 41.26 -1.37
C MET D 302 -29.04 42.72 -1.31
N LEU D 303 -28.21 43.16 -2.27
CA LEU D 303 -27.73 44.53 -2.30
C LEU D 303 -28.18 45.29 -3.55
N GLY D 304 -29.11 44.74 -4.30
CA GLY D 304 -29.61 45.40 -5.49
C GLY D 304 -30.30 44.40 -6.40
N TRP D 305 -30.55 44.84 -7.63
CA TRP D 305 -31.19 44.02 -8.67
C TRP D 305 -32.47 43.37 -8.14
N ARG D 306 -33.26 44.17 -7.44
CA ARG D 306 -34.51 43.70 -6.85
C ARG D 306 -35.63 44.64 -7.25
N THR D 307 -36.79 44.05 -7.56
CA THR D 307 -37.97 44.83 -7.93
C THR D 307 -38.98 44.81 -6.79
N PRO D 308 -39.78 45.87 -6.65
CA PRO D 308 -40.78 45.90 -5.57
C PRO D 308 -41.83 44.81 -5.67
N GLU D 309 -42.04 44.23 -6.86
CA GLU D 309 -43.06 43.21 -7.02
C GLU D 309 -42.79 42.00 -6.14
N ASP D 310 -41.52 41.68 -5.90
CA ASP D 310 -41.18 40.57 -5.02
C ASP D 310 -41.73 40.81 -3.62
N ARG D 311 -41.75 42.06 -3.17
CA ARG D 311 -42.34 42.42 -1.90
C ARG D 311 -43.82 42.78 -2.03
N SER D 312 -44.36 42.80 -3.24
CA SER D 312 -45.78 43.10 -3.42
C SER D 312 -46.66 42.03 -2.80
N ASP D 313 -46.27 40.76 -2.93
CA ASP D 313 -47.03 39.65 -2.36
C ASP D 313 -46.25 39.06 -1.20
N PRO D 314 -46.61 39.36 0.05
CA PRO D 314 -45.88 38.78 1.18
C PRO D 314 -46.02 37.28 1.29
N ASP D 315 -47.06 36.69 0.70
CA ASP D 315 -47.30 35.25 0.83
C ASP D 315 -46.65 34.47 -0.30
N ALA D 316 -45.35 34.72 -0.52
CA ALA D 316 -44.58 34.05 -1.57
C ALA D 316 -43.11 34.33 -1.32
N CYS D 317 -42.27 33.45 -1.85
CA CYS D 317 -40.81 33.55 -1.69
C CYS D 317 -40.13 33.32 -3.04
N THR D 318 -40.63 33.96 -4.08
CA THR D 318 -40.05 33.80 -5.41
C THR D 318 -38.72 34.56 -5.51
N ILE D 319 -37.83 34.04 -6.35
CA ILE D 319 -36.57 34.72 -6.61
C ILE D 319 -36.82 36.00 -7.41
N SER D 320 -35.83 36.88 -7.41
CA SER D 320 -35.92 38.11 -8.18
C SER D 320 -36.05 37.81 -9.67
N LYS D 321 -37.01 38.47 -10.31
CA LYS D 321 -37.26 38.28 -11.74
C LYS D 321 -36.70 39.42 -12.58
N ASP D 322 -35.76 40.20 -12.05
CA ASP D 322 -35.12 41.24 -12.82
C ASP D 322 -34.42 40.63 -14.04
N HIS D 323 -34.63 41.25 -15.20
CA HIS D 323 -34.09 40.70 -16.43
C HIS D 323 -32.57 40.64 -16.39
N GLY D 324 -31.93 41.71 -15.90
CA GLY D 324 -30.48 41.68 -15.77
C GLY D 324 -30.01 40.59 -14.82
N TYR D 325 -30.65 40.50 -13.65
CA TYR D 325 -30.29 39.44 -12.72
C TYR D 325 -30.70 38.08 -13.22
N THR D 326 -31.81 37.98 -13.95
CA THR D 326 -32.18 36.71 -14.56
C THR D 326 -31.07 36.20 -15.47
N ILE D 327 -30.62 37.06 -16.39
CA ILE D 327 -29.52 36.67 -17.29
C ILE D 327 -28.28 36.33 -16.48
N TYR D 328 -27.91 37.20 -15.52
CA TYR D 328 -26.68 37.01 -14.75
C TYR D 328 -26.68 35.68 -14.03
N SER D 329 -27.72 35.41 -13.24
CA SER D 329 -27.76 34.19 -12.44
C SER D 329 -27.91 32.96 -13.31
N THR D 330 -28.85 32.99 -14.26
CA THR D 330 -29.11 31.81 -15.08
C THR D 330 -27.91 31.45 -15.95
N PHE D 331 -27.09 32.43 -16.34
CA PHE D 331 -25.95 32.13 -17.19
C PHE D 331 -24.71 31.78 -16.36
N GLY D 332 -24.39 32.58 -15.34
CA GLY D 332 -23.22 32.29 -14.54
C GLY D 332 -23.39 31.14 -13.57
N ALA D 333 -24.61 30.62 -13.42
CA ALA D 333 -24.86 29.49 -12.54
C ALA D 333 -25.12 28.19 -13.26
N PHE D 334 -25.72 28.23 -14.44
CA PHE D 334 -25.94 26.98 -15.16
C PHE D 334 -25.43 26.98 -16.59
N TYR D 335 -25.63 28.06 -17.34
CA TYR D 335 -25.36 28.00 -18.77
C TYR D 335 -23.87 28.07 -19.08
N ILE D 336 -23.16 29.04 -18.52
CA ILE D 336 -21.70 29.02 -18.59
C ILE D 336 -21.14 27.74 -18.00
N PRO D 337 -21.59 27.27 -16.83
CA PRO D 337 -21.18 25.93 -16.39
C PRO D 337 -21.56 24.82 -17.36
N LEU D 338 -22.73 24.91 -18.01
CA LEU D 338 -23.14 23.84 -18.92
C LEU D 338 -22.21 23.76 -20.13
N LEU D 339 -21.92 24.90 -20.77
CA LEU D 339 -20.99 24.90 -21.88
C LEU D 339 -19.58 24.50 -21.43
N LEU D 340 -19.16 24.94 -20.25
CA LEU D 340 -17.84 24.55 -19.76
C LEU D 340 -17.76 23.04 -19.59
N MET D 341 -18.76 22.43 -18.96
CA MET D 341 -18.76 20.99 -18.75
C MET D 341 -18.87 20.25 -20.08
N LEU D 342 -19.67 20.76 -21.02
CA LEU D 342 -19.80 20.12 -22.32
C LEU D 342 -18.46 20.12 -23.06
N VAL D 343 -17.77 21.25 -23.06
CA VAL D 343 -16.48 21.34 -23.74
C VAL D 343 -15.46 20.43 -23.06
N LEU D 344 -15.38 20.49 -21.73
CA LEU D 344 -14.40 19.70 -21.02
C LEU D 344 -14.64 18.21 -21.21
N TYR D 345 -15.90 17.77 -21.13
CA TYR D 345 -16.18 16.35 -21.27
C TYR D 345 -16.12 15.90 -22.73
N GLY D 346 -16.34 16.80 -23.69
CA GLY D 346 -16.08 16.45 -25.07
C GLY D 346 -14.60 16.23 -25.35
N ARG D 347 -13.75 17.11 -24.79
CA ARG D 347 -12.32 16.91 -24.93
C ARG D 347 -11.87 15.64 -24.21
N ILE D 348 -12.46 15.37 -23.04
CA ILE D 348 -12.15 14.13 -22.31
C ILE D 348 -12.60 12.92 -23.11
N PHE D 349 -13.75 13.01 -23.77
CA PHE D 349 -14.21 11.92 -24.64
C PHE D 349 -13.26 11.70 -25.79
N ARG D 350 -12.78 12.78 -26.42
CA ARG D 350 -11.82 12.64 -27.50
C ARG D 350 -10.54 11.98 -27.02
N ALA D 351 -10.04 12.39 -25.84
CA ALA D 351 -8.83 11.80 -25.29
C ALA D 351 -9.04 10.32 -24.95
N ALA D 352 -10.19 9.99 -24.36
CA ALA D 352 -10.48 8.61 -24.00
C ALA D 352 -10.58 7.73 -25.25
N ARG D 353 -11.25 8.25 -26.29
CA ARG D 353 -11.34 7.50 -27.54
C ARG D 353 -9.96 7.32 -28.17
N PHE D 354 -9.12 8.36 -28.12
CA PHE D 354 -7.76 8.24 -28.66
C PHE D 354 -6.97 7.18 -27.91
N ARG D 355 -7.11 7.13 -26.58
CA ARG D 355 -6.38 6.12 -25.81
C ARG D 355 -6.94 4.72 -26.05
N ILE D 356 -8.25 4.60 -26.23
CA ILE D 356 -8.86 3.29 -26.43
C ILE D 356 -8.50 2.73 -27.80
N ARG D 357 -8.60 3.54 -28.85
CA ARG D 357 -8.32 3.06 -30.20
C ARG D 357 -6.86 2.65 -30.35
N LYS D 358 -5.95 3.45 -29.79
CA LYS D 358 -4.53 3.14 -29.87
C LYS D 358 -4.05 2.38 -28.63
N LYS D 454 -3.39 -17.49 -31.33
CA LYS D 454 -3.23 -17.04 -32.70
C LYS D 454 -3.37 -15.52 -32.78
N ASN D 455 -2.77 -14.92 -33.82
CA ASN D 455 -2.82 -13.47 -33.98
C ASN D 455 -4.25 -12.98 -34.18
N GLU D 456 -5.05 -13.74 -34.93
CA GLU D 456 -6.43 -13.33 -35.17
C GLU D 456 -7.24 -13.30 -33.87
N ARG D 457 -7.04 -14.29 -33.00
CA ARG D 457 -7.75 -14.29 -31.73
C ARG D 457 -7.33 -13.12 -30.85
N ASN D 458 -6.03 -12.82 -30.82
CA ASN D 458 -5.56 -11.67 -30.04
C ASN D 458 -6.12 -10.37 -30.59
N ALA D 459 -6.17 -10.23 -31.92
CA ALA D 459 -6.75 -9.03 -32.51
C ALA D 459 -8.23 -8.91 -32.19
N GLU D 460 -8.96 -10.03 -32.24
CA GLU D 460 -10.37 -10.00 -31.90
C GLU D 460 -10.59 -9.62 -30.44
N ALA D 461 -9.75 -10.16 -29.54
CA ALA D 461 -9.85 -9.79 -28.13
C ALA D 461 -9.56 -8.31 -27.91
N LYS D 462 -8.53 -7.79 -28.61
CA LYS D 462 -8.23 -6.37 -28.51
C LYS D 462 -9.40 -5.52 -29.02
N ARG D 463 -10.02 -5.93 -30.13
CA ARG D 463 -11.16 -5.18 -30.65
C ARG D 463 -12.33 -5.23 -29.69
N LYS D 464 -12.61 -6.39 -29.10
CA LYS D 464 -13.70 -6.49 -28.13
C LYS D 464 -13.43 -5.61 -26.92
N MET D 465 -12.18 -5.59 -26.44
CA MET D 465 -11.84 -4.72 -25.32
C MET D 465 -12.00 -3.25 -25.69
N ALA D 466 -11.59 -2.88 -26.90
CA ALA D 466 -11.72 -1.50 -27.34
C ALA D 466 -13.18 -1.08 -27.43
N LEU D 467 -14.04 -1.93 -28.00
CA LEU D 467 -15.46 -1.60 -28.06
C LEU D 467 -16.09 -1.56 -26.67
N ALA D 468 -15.68 -2.46 -25.78
CA ALA D 468 -16.20 -2.42 -24.41
C ALA D 468 -15.81 -1.12 -23.72
N ARG D 469 -14.56 -0.67 -23.91
CA ARG D 469 -14.13 0.57 -23.29
C ARG D 469 -14.82 1.78 -23.91
N GLU D 470 -15.06 1.74 -25.21
CA GLU D 470 -15.81 2.82 -25.86
C GLU D 470 -17.24 2.89 -25.33
N ARG D 471 -17.88 1.73 -25.18
CA ARG D 471 -19.22 1.71 -24.59
C ARG D 471 -19.19 2.21 -23.15
N LYS D 472 -18.16 1.85 -22.39
CA LYS D 472 -18.05 2.29 -21.01
C LYS D 472 -17.89 3.80 -20.92
N THR D 473 -17.02 4.39 -21.75
CA THR D 473 -16.82 5.83 -21.69
C THR D 473 -18.06 6.58 -22.17
N VAL D 474 -18.73 6.07 -23.21
CA VAL D 474 -19.97 6.69 -23.67
C VAL D 474 -21.02 6.62 -22.57
N LYS D 475 -21.14 5.46 -21.92
CA LYS D 475 -22.15 5.30 -20.83
C LYS D 475 -21.83 6.25 -19.67
N THR D 476 -20.56 6.34 -19.27
CA THR D 476 -20.21 7.18 -18.13
C THR D 476 -20.46 8.65 -18.42
N LEU D 477 -20.01 9.12 -19.58
CA LEU D 477 -20.25 10.52 -19.93
C LEU D 477 -21.73 10.80 -20.11
N GLY D 478 -22.46 9.84 -20.68
CA GLY D 478 -23.90 9.99 -20.79
C GLY D 478 -24.57 10.08 -19.43
N ILE D 479 -24.14 9.23 -18.49
CA ILE D 479 -24.70 9.28 -17.14
C ILE D 479 -24.45 10.66 -16.52
N ILE D 480 -23.21 11.13 -16.58
CA ILE D 480 -22.86 12.41 -15.96
C ILE D 480 -23.66 13.54 -16.59
N MET D 481 -23.54 13.69 -17.91
CA MET D 481 -24.13 14.85 -18.58
C MET D 481 -25.65 14.76 -18.58
N GLY D 482 -26.21 13.57 -18.75
CA GLY D 482 -27.65 13.41 -18.70
C GLY D 482 -28.25 13.66 -17.34
N THR D 483 -27.57 13.23 -16.27
CA THR D 483 -28.03 13.58 -14.94
C THR D 483 -28.03 15.08 -14.76
N PHE D 484 -26.92 15.74 -15.12
CA PHE D 484 -26.83 17.18 -14.99
C PHE D 484 -27.92 17.89 -15.79
N ILE D 485 -28.14 17.45 -17.03
CA ILE D 485 -29.12 18.08 -17.91
C ILE D 485 -30.53 17.85 -17.39
N LEU D 486 -30.93 16.58 -17.27
CA LEU D 486 -32.30 16.26 -16.85
C LEU D 486 -32.60 16.78 -15.45
N CYS D 487 -31.58 17.12 -14.67
CA CYS D 487 -31.85 17.75 -13.39
C CYS D 487 -32.03 19.26 -13.52
N TRP D 488 -31.06 19.95 -14.12
CA TRP D 488 -31.02 21.41 -14.01
C TRP D 488 -31.47 22.15 -15.27
N LEU D 489 -31.36 21.56 -16.46
CA LEU D 489 -31.70 22.28 -17.68
C LEU D 489 -33.15 22.73 -17.74
N PRO D 490 -34.16 21.90 -17.44
CA PRO D 490 -35.53 22.42 -17.46
C PRO D 490 -35.73 23.59 -16.53
N PHE D 491 -35.14 23.54 -15.33
CA PHE D 491 -35.32 24.63 -14.38
C PHE D 491 -34.73 25.93 -14.91
N PHE D 492 -33.53 25.87 -15.48
CA PHE D 492 -32.90 27.12 -15.91
C PHE D 492 -33.48 27.61 -17.23
N ILE D 493 -33.99 26.72 -18.07
CA ILE D 493 -34.76 27.14 -19.23
C ILE D 493 -36.00 27.93 -18.77
N VAL D 494 -36.70 27.40 -17.77
CA VAL D 494 -37.87 28.10 -17.24
C VAL D 494 -37.47 29.43 -16.60
N ALA D 495 -36.38 29.42 -15.82
CA ALA D 495 -35.95 30.61 -15.11
C ALA D 495 -35.36 31.67 -16.04
N LEU D 496 -34.99 31.29 -17.26
CA LEU D 496 -34.56 32.26 -18.25
C LEU D 496 -35.70 32.75 -19.13
N VAL D 497 -36.68 31.90 -19.40
CA VAL D 497 -37.78 32.27 -20.28
C VAL D 497 -38.87 33.04 -19.55
N LEU D 498 -39.26 32.57 -18.36
CA LEU D 498 -40.40 33.18 -17.66
C LEU D 498 -40.20 34.66 -17.33
N PRO D 499 -39.07 35.10 -16.77
CA PRO D 499 -38.94 36.54 -16.48
C PRO D 499 -39.03 37.43 -17.70
N PHE D 500 -38.70 36.92 -18.89
CA PHE D 500 -38.82 37.71 -20.12
C PHE D 500 -40.19 37.57 -20.77
N CYS D 501 -41.04 36.68 -20.29
CA CYS D 501 -42.38 36.48 -20.82
C CYS D 501 -43.38 36.75 -19.69
N GLU D 502 -43.75 38.02 -19.53
CA GLU D 502 -44.67 38.39 -18.46
C GLU D 502 -46.08 37.89 -18.73
N SER D 503 -46.52 37.94 -19.99
CA SER D 503 -47.88 37.58 -20.35
C SER D 503 -47.87 36.47 -21.40
N SER D 504 -49.02 35.79 -21.51
CA SER D 504 -49.24 34.73 -22.50
C SER D 504 -48.32 33.54 -22.31
N CYS D 505 -47.72 33.41 -21.13
CA CYS D 505 -46.83 32.28 -20.82
C CYS D 505 -47.11 31.77 -19.42
N HIS D 506 -48.39 31.60 -19.10
CA HIS D 506 -48.77 31.07 -17.79
C HIS D 506 -48.20 29.66 -17.61
N MET D 507 -47.66 29.40 -16.43
CA MET D 507 -47.02 28.12 -16.13
C MET D 507 -47.81 27.37 -15.08
N PRO D 508 -48.12 26.09 -15.31
CA PRO D 508 -48.82 25.30 -14.29
C PRO D 508 -48.00 25.20 -13.02
N THR D 509 -48.69 25.25 -11.88
CA THR D 509 -48.02 25.11 -10.59
C THR D 509 -47.39 23.73 -10.44
N LEU D 510 -48.11 22.68 -10.87
CA LEU D 510 -47.59 21.33 -10.74
C LEU D 510 -46.31 21.14 -11.55
N LEU D 511 -46.32 21.62 -12.81
CA LEU D 511 -45.13 21.49 -13.64
C LEU D 511 -43.96 22.28 -13.06
N GLY D 512 -44.23 23.48 -12.56
CA GLY D 512 -43.16 24.27 -11.96
C GLY D 512 -42.57 23.60 -10.73
N ALA D 513 -43.41 23.01 -9.88
CA ALA D 513 -42.90 22.30 -8.72
C ALA D 513 -42.11 21.07 -9.11
N ILE D 514 -42.59 20.31 -10.12
CA ILE D 514 -41.86 19.14 -10.58
C ILE D 514 -40.49 19.54 -11.12
N ILE D 515 -40.43 20.64 -11.87
CA ILE D 515 -39.14 21.07 -12.43
C ILE D 515 -38.22 21.59 -11.33
N ASN D 516 -38.75 22.33 -10.36
CA ASN D 516 -37.92 22.79 -9.24
C ASN D 516 -37.33 21.61 -8.47
N TRP D 517 -38.14 20.59 -8.21
CA TRP D 517 -37.64 19.44 -7.48
C TRP D 517 -36.78 18.52 -8.34
N LEU D 518 -36.95 18.55 -9.66
CA LEU D 518 -35.97 17.91 -10.54
C LEU D 518 -34.61 18.57 -10.40
N GLY D 519 -34.60 19.91 -10.35
CA GLY D 519 -33.35 20.60 -10.08
C GLY D 519 -32.77 20.23 -8.73
N TYR D 520 -33.61 20.16 -7.71
CA TYR D 520 -33.14 19.82 -6.36
C TYR D 520 -32.65 18.37 -6.29
N SER D 521 -33.17 17.48 -7.13
CA SER D 521 -32.77 16.08 -7.13
C SER D 521 -31.34 15.88 -7.62
N ASN D 522 -30.71 16.91 -8.19
CA ASN D 522 -29.30 16.80 -8.53
C ASN D 522 -28.45 16.61 -7.29
N SER D 523 -28.84 17.22 -6.16
CA SER D 523 -28.10 17.01 -4.92
C SER D 523 -28.23 15.57 -4.42
N LEU D 524 -29.34 14.91 -4.71
CA LEU D 524 -29.47 13.50 -4.36
C LEU D 524 -28.67 12.62 -5.32
N LEU D 525 -28.69 12.95 -6.61
CA LEU D 525 -28.05 12.09 -7.61
C LEU D 525 -26.54 12.26 -7.65
N ASN D 526 -26.01 13.41 -7.24
CA ASN D 526 -24.57 13.64 -7.34
C ASN D 526 -23.73 12.64 -6.55
N PRO D 527 -24.05 12.32 -5.29
CA PRO D 527 -23.29 11.25 -4.62
C PRO D 527 -23.42 9.91 -5.30
N VAL D 528 -24.56 9.67 -5.97
CA VAL D 528 -24.82 8.38 -6.68
C VAL D 528 -23.95 8.35 -7.94
N ILE D 529 -23.82 9.48 -8.64
CA ILE D 529 -23.07 9.53 -9.91
C ILE D 529 -21.57 9.53 -9.63
N TYR D 530 -21.12 10.32 -8.66
CA TYR D 530 -19.68 10.56 -8.47
C TYR D 530 -19.07 9.71 -7.36
N ALA D 531 -19.85 9.22 -6.38
CA ALA D 531 -19.33 8.46 -5.22
C ALA D 531 -19.85 7.01 -5.22
N TYR D 532 -21.16 6.75 -5.30
CA TYR D 532 -21.72 5.37 -5.18
C TYR D 532 -21.55 4.57 -6.48
N PHE D 533 -20.76 5.02 -7.46
CA PHE D 533 -20.52 4.25 -8.68
C PHE D 533 -19.10 3.78 -8.85
N ASN D 534 -18.10 4.53 -8.36
CA ASN D 534 -16.74 4.07 -8.53
C ASN D 534 -16.39 3.00 -7.49
N LYS D 535 -15.42 2.15 -7.83
CA LYS D 535 -15.12 0.98 -7.03
C LYS D 535 -14.51 1.36 -5.68
N ASP D 536 -13.75 2.45 -5.63
CA ASP D 536 -13.08 2.84 -4.38
C ASP D 536 -14.09 3.14 -3.28
N PHE D 537 -15.12 3.92 -3.60
CA PHE D 537 -16.14 4.23 -2.61
C PHE D 537 -16.90 2.99 -2.17
N GLN D 538 -17.21 2.10 -3.12
CA GLN D 538 -17.94 0.88 -2.77
C GLN D 538 -17.12 0.02 -1.82
N ASN D 539 -15.82 -0.13 -2.10
CA ASN D 539 -14.95 -0.88 -1.21
C ASN D 539 -14.86 -0.22 0.17
N ALA D 540 -14.74 1.11 0.20
CA ALA D 540 -14.64 1.80 1.48
C ALA D 540 -15.93 1.65 2.30
N PHE D 541 -17.09 1.75 1.63
CA PHE D 541 -18.35 1.57 2.34
C PHE D 541 -18.52 0.14 2.83
N LYS D 542 -18.10 -0.84 2.02
CA LYS D 542 -18.16 -2.23 2.46
C LYS D 542 -17.27 -2.47 3.66
N LYS D 543 -16.07 -1.87 3.67
CA LYS D 543 -15.20 -2.01 4.83
C LYS D 543 -15.78 -1.31 6.06
N ILE D 544 -16.42 -0.16 5.86
CA ILE D 544 -17.09 0.52 6.98
C ILE D 544 -18.24 -0.32 7.50
N ILE D 545 -19.05 -0.88 6.61
CA ILE D 545 -20.21 -1.67 7.00
C ILE D 545 -19.86 -3.16 6.97
C1 YLX E . -38.40 28.04 -1.12
C2 YLX E . -37.06 28.79 -1.06
C3 YLX E . -36.83 29.36 0.35
C4 YLX E . -36.44 28.14 1.18
N YLX E . -38.31 28.25 -3.56
C YLX E . -38.52 27.41 -2.48
O YLX E . -38.75 26.22 -2.65
C10 YLX E . -37.54 27.22 -5.71
C11 YLX E . -37.14 28.13 -6.88
C12 YLX E . -35.84 27.73 -7.56
C13 YLX E . -33.62 26.72 -7.07
C14 YLX E . -32.25 27.37 -7.13
C15 YLX E . -31.17 29.02 -8.62
C16 YLX E . -28.93 28.93 -8.92
C17 YLX E . -28.96 30.09 -9.66
C18 YLX E . -30.19 30.63 -9.88
C19 YLX E . -33.30 29.53 -7.54
C20 YLX E . -34.12 29.01 -6.36
C5 YLX E . -35.59 27.25 0.19
C6 YLX E . -35.82 27.86 -1.22
C7 YLX E . -37.10 29.89 -2.14
C8 YLX E . -37.74 29.52 -3.47
C9 YLX E . -38.73 27.77 -4.89
N1 YLX E . -34.67 27.68 -6.65
N2 YLX E . -32.27 28.57 -7.97
N3 YLX E . -30.02 28.37 -8.38
N4 YLX E . -31.32 30.12 -9.38
O1 YLX E . -37.76 30.30 -4.41
O12 J40 F . -21.54 0.40 -14.44
P1 J40 F . -21.30 1.75 -13.90
O13 J40 F . -21.31 1.96 -12.26
O11 J40 F . -22.31 2.76 -14.41
O6 J40 F . -20.70 4.96 -14.95
O1 J40 F . -19.89 2.28 -14.60
C1 J40 F . -19.02 3.40 -14.26
C6 J40 F . -19.86 4.60 -13.87
C2 J40 F . -18.08 2.99 -13.14
O2 J40 F . -18.79 2.58 -11.98
C3 J40 F . -17.15 4.17 -12.81
O3 J40 F . -16.25 3.81 -11.78
C4 J40 F . -17.97 5.40 -12.43
O4 J40 F . -17.04 6.50 -12.25
P4 J40 F . -17.25 7.65 -11.12
O41 J40 F . -17.74 8.84 -11.96
O42 J40 F . -16.01 7.97 -10.38
O43 J40 F . -18.37 7.18 -10.20
C5 J40 F . -18.95 5.77 -13.53
O5 J40 F . -19.74 6.89 -13.13
C7 J40 F . -21.96 1.04 -11.34
C8 J40 F . -23.23 0.49 -11.95
C9 J40 F . -23.96 -0.50 -11.07
O16 J40 F . -24.14 1.61 -12.22
C10 J40 F . -24.90 1.55 -13.33
O17 J40 F . -24.88 0.63 -14.10
O18 J40 F . -23.97 -0.13 -9.66
C11 J40 F . -25.07 -0.47 -8.98
O19 J40 F . -26.03 -1.00 -9.48
C12 J40 F . -25.74 2.77 -13.47
C13 J40 F . -26.62 2.75 -14.72
C14 J40 F . -27.64 3.87 -14.77
C15 J40 F . -28.48 3.76 -16.00
C16 J40 F . -28.05 3.39 -17.18
C17 J40 F . -28.88 3.21 -18.42
C18 J40 F . -28.95 1.77 -18.82
C19 J40 F . -27.98 1.06 -19.36
C20 J40 F . -28.04 -0.38 -19.78
C21 J40 F . -29.39 -0.74 -20.32
C22 J40 F . -29.90 -0.39 -21.49
C23 J40 F . -29.24 0.38 -22.60
C24 J40 F . -28.95 -0.50 -23.77
C31 J40 F . -24.98 -0.08 -7.53
C32 J40 F . -25.13 1.42 -7.31
C33 J40 F . -25.71 1.77 -5.95
C34 J40 F . -25.97 3.26 -5.79
C35 J40 F . -26.49 3.67 -4.43
C36 J40 F . -27.95 3.35 -4.20
C37 J40 F . -28.59 4.26 -3.17
C38 J40 F . -28.63 5.71 -3.58
C39 J40 F . -29.32 6.63 -2.58
C40 J40 F . -28.37 7.28 -1.59
C25 J40 F . -29.81 -0.99 -24.65
C26 J40 F . -31.28 -0.75 -24.70
C41 J40 F . -28.86 7.21 -0.15
C42 J40 F . -28.80 5.82 0.44
C43 J40 F . -27.38 5.31 0.59
CAA Y01 G . -34.41 9.90 -7.79
CBA Y01 G . -34.90 10.55 -9.07
CAB Y01 G . -34.09 11.80 -9.39
CAN Y01 G . -36.39 10.88 -8.98
CAJ Y01 G . -36.74 12.10 -8.16
CAO Y01 G . -38.22 12.29 -8.00
CBB Y01 G . -38.68 13.71 -7.67
CAC Y01 G . -38.28 14.66 -8.80
CBE Y01 G . -40.19 13.72 -7.35
CAP Y01 G . -40.57 12.61 -6.33
CAQ Y01 G . -41.76 13.14 -5.51
CBG Y01 G . -42.20 14.38 -6.30
CBI Y01 G . -40.87 14.99 -6.77
CAE Y01 G . -40.04 15.56 -5.61
CAU Y01 G . -41.23 16.09 -7.78
CAS Y01 G . -42.19 17.12 -7.18
CBF Y01 G . -43.48 16.50 -6.63
CBD Y01 G . -43.18 15.35 -5.65
CAK Y01 G . -44.47 14.63 -5.26
CAI Y01 G . -45.63 15.56 -5.11
CAZ Y01 G . -45.60 16.86 -5.34
CAV Y01 G . -46.78 17.74 -4.96
CBH Y01 G . -44.45 17.56 -6.04
CAD Y01 G . -43.74 18.47 -5.02
CAT Y01 G . -45.03 18.40 -7.19
CAR Y01 G . -46.21 19.28 -6.78
CBC Y01 G . -47.31 18.48 -6.15
OAW Y01 G . -48.35 19.39 -5.67
CAY Y01 G . -49.16 19.94 -6.57
OAG Y01 G . -49.75 19.32 -7.40
CAM Y01 G . -49.24 21.44 -6.41
CAL Y01 G . -50.12 22.19 -7.39
CAX Y01 G . -51.60 22.19 -7.07
OAH Y01 G . -52.20 21.10 -7.04
OAF Y01 G . -52.15 23.28 -6.85
CAA Y01 H . -33.56 13.11 -13.04
CBA Y01 H . -34.67 12.50 -13.88
CAB Y01 H . -35.37 11.38 -13.12
CAN Y01 H . -34.14 12.02 -15.22
CAJ Y01 H . -32.95 11.10 -15.16
CAO Y01 H . -32.43 10.74 -16.53
CBB Y01 H . -31.34 9.64 -16.55
CAC Y01 H . -31.86 8.39 -15.86
CBE Y01 H . -30.91 9.40 -18.01
CAP Y01 H . -30.70 10.73 -18.78
CAQ Y01 H . -29.61 10.48 -19.84
CBG Y01 H . -29.40 8.97 -19.80
CBI Y01 H . -29.59 8.62 -18.32
CAE Y01 H . -28.45 9.15 -17.44
CAU Y01 H . -29.68 7.09 -18.23
CAS Y01 H . -28.45 6.42 -18.86
CBF Y01 H . -28.19 6.85 -20.31
CBD Y01 H . -28.17 8.38 -20.46
CAK Y01 H . -28.09 8.77 -21.93
CAI Y01 H . -27.17 7.89 -22.72
CAZ Y01 H . -26.54 6.84 -22.23
CAV Y01 H . -25.42 6.16 -22.99
CBH Y01 H . -26.92 6.18 -20.90
CAD Y01 H . -25.73 6.31 -19.94
CAT Y01 H . -27.19 4.69 -21.20
CAR Y01 H . -26.03 4.00 -21.93
CBC Y01 H . -25.69 4.69 -23.22
OAW Y01 H . -24.46 4.13 -23.76
CAY Y01 H . -24.38 2.82 -23.96
OAG Y01 H . -23.76 2.07 -23.26
CAM Y01 H . -25.14 2.39 -25.18
CAL Y01 H . -24.33 1.66 -26.25
CAX Y01 H . -23.34 2.51 -27.01
OAH Y01 H . -23.29 3.74 -26.77
OAF Y01 H . -22.60 1.95 -27.85
#